data_1NEG
# 
_entry.id   1NEG 
# 
_audit_conform.dict_name       mmcif_pdbx.dic 
_audit_conform.dict_version    5.379 
_audit_conform.dict_location   http://mmcif.pdb.org/dictionaries/ascii/mmcif_pdbx.dic 
# 
loop_
_database_2.database_id 
_database_2.database_code 
_database_2.pdbx_database_accession 
_database_2.pdbx_DOI 
PDB   1NEG         pdb_00001neg 10.2210/pdb1neg/pdb 
RCSB  RCSB017804   ?            ?                   
WWPDB D_1000017804 ?            ?                   
# 
loop_
_pdbx_database_related.db_name 
_pdbx_database_related.db_id 
_pdbx_database_related.details 
_pdbx_database_related.content_type 
PDB 1M8M 'Solid-State Mas NMR Structure Of The A-Spectrin Sh3 Domain' unspecified 
PDB 1SHG 'Crystal structure of a Src-homology 3 (SH3) domain'         unspecified 
# 
_pdbx_database_status.status_code                     REL 
_pdbx_database_status.entry_id                        1NEG 
_pdbx_database_status.recvd_initial_deposition_date   2002-12-11 
_pdbx_database_status.deposit_site                    RCSB 
_pdbx_database_status.process_site                    RCSB 
_pdbx_database_status.status_code_sf                  REL 
_pdbx_database_status.SG_entry                        . 
_pdbx_database_status.pdb_format_compatible           Y 
_pdbx_database_status.status_code_mr                  ? 
_pdbx_database_status.status_code_cs                  ? 
_pdbx_database_status.methods_development_category    ? 
_pdbx_database_status.status_code_nmr_data            ? 
# 
loop_
_audit_author.name 
_audit_author.pdbx_ordinal 
'Mueller, U.'   1 
'Buessow, K.'   2 
'Diehl, A.'     3 
'Niesen, F.H.'  4 
'Nyarsik, L.'   5 
'Heinemann, U.' 6 
# 
_citation.id                        primary 
_citation.title                     
'Rapid purification and crystal structure analysis of a small protein carrying two terminal affinity tags' 
_citation.journal_abbrev            J.STRUCT.FUNCT.GENOM. 
_citation.journal_volume            4 
_citation.page_first                217 
_citation.page_last                 225 
_citation.year                      2003 
_citation.journal_id_ASTM           ? 
_citation.country                   NE 
_citation.journal_id_ISSN           1345-711X 
_citation.journal_id_CSD            ? 
_citation.book_publisher            ? 
_citation.pdbx_database_id_PubMed   15185962 
_citation.pdbx_database_id_DOI      10.1023/B:JSFG.0000016119.50040.a3 
# 
loop_
_citation_author.citation_id 
_citation_author.name 
_citation_author.ordinal 
_citation_author.identifier_ORCID 
primary 'Mueller, U.'   1 ? 
primary 'Buessow, K.'   2 ? 
primary 'Diehl, A.'     3 ? 
primary 'Bartl, F.J.'   4 ? 
primary 'Niesen, F.H.'  5 ? 
primary 'Nyarsik, L.'   6 ? 
primary 'Heinemann, U.' 7 ? 
# 
_cell.entry_id           1NEG 
_cell.length_a           41.865 
_cell.length_b           41.865 
_cell.length_c           92.865 
_cell.angle_alpha        90.00 
_cell.angle_beta         90.00 
_cell.angle_gamma        90.00 
_cell.Z_PDB              8 
_cell.pdbx_unique_axis   ? 
# 
_symmetry.entry_id                         1NEG 
_symmetry.space_group_name_H-M             'P 43 21 2' 
_symmetry.pdbx_full_space_group_name_H-M   ? 
_symmetry.cell_setting                     ? 
_symmetry.Int_Tables_number                96 
_symmetry.space_group_name_Hall            ? 
# 
loop_
_entity.id 
_entity.type 
_entity.src_method 
_entity.pdbx_description 
_entity.formula_weight 
_entity.pdbx_number_of_molecules 
_entity.pdbx_ec 
_entity.pdbx_mutation 
_entity.pdbx_fragment 
_entity.details 
1 polymer     man 'Spectrin alpha chain, brain' 9643.871 1  ? ? SH3-domain ? 
2 non-polymer syn 'AZIDE ION'                   42.020   1  ? ? ?          ? 
3 water       nat water                         18.015   46 ? ? ?          ? 
# 
_entity_name_com.entity_id   1 
_entity_name_com.name        'ALPHA Spectrin, Spectrin, non-erythroid alpha chain, Fodrin alpha chain' 
# 
_entity_poly.entity_id                      1 
_entity_poly.type                           'polypeptide(L)' 
_entity_poly.nstd_linkage                   no 
_entity_poly.nstd_monomer                   no 
_entity_poly.pdbx_seq_one_letter_code       
;MRGSHHHHHHGSDETGKELVLALYDYQEKSPREVTMKKGDILTLLNSTNKDWWKVEVNDRQGFVPAAYVKKLAAAWSHPQ
FEK
;
_entity_poly.pdbx_seq_one_letter_code_can   
;MRGSHHHHHHGSDETGKELVLALYDYQEKSPREVTMKKGDILTLLNSTNKDWWKVEVNDRQGFVPAAYVKKLAAAWSHPQ
FEK
;
_entity_poly.pdbx_strand_id                 A 
_entity_poly.pdbx_target_identifier         ? 
# 
loop_
_entity_poly_seq.entity_id 
_entity_poly_seq.num 
_entity_poly_seq.mon_id 
_entity_poly_seq.hetero 
1 1  MET n 
1 2  ARG n 
1 3  GLY n 
1 4  SER n 
1 5  HIS n 
1 6  HIS n 
1 7  HIS n 
1 8  HIS n 
1 9  HIS n 
1 10 HIS n 
1 11 GLY n 
1 12 SER n 
1 13 ASP n 
1 14 GLU n 
1 15 THR n 
1 16 GLY n 
1 17 LYS n 
1 18 GLU n 
1 19 LEU n 
1 20 VAL n 
1 21 LEU n 
1 22 ALA n 
1 23 LEU n 
1 24 TYR n 
1 25 ASP n 
1 26 TYR n 
1 27 GLN n 
1 28 GLU n 
1 29 LYS n 
1 30 SER n 
1 31 PRO n 
1 32 ARG n 
1 33 GLU n 
1 34 VAL n 
1 35 THR n 
1 36 MET n 
1 37 LYS n 
1 38 LYS n 
1 39 GLY n 
1 40 ASP n 
1 41 ILE n 
1 42 LEU n 
1 43 THR n 
1 44 LEU n 
1 45 LEU n 
1 46 ASN n 
1 47 SER n 
1 48 THR n 
1 49 ASN n 
1 50 LYS n 
1 51 ASP n 
1 52 TRP n 
1 53 TRP n 
1 54 LYS n 
1 55 VAL n 
1 56 GLU n 
1 57 VAL n 
1 58 ASN n 
1 59 ASP n 
1 60 ARG n 
1 61 GLN n 
1 62 GLY n 
1 63 PHE n 
1 64 VAL n 
1 65 PRO n 
1 66 ALA n 
1 67 ALA n 
1 68 TYR n 
1 69 VAL n 
1 70 LYS n 
1 71 LYS n 
1 72 LEU n 
1 73 ALA n 
1 74 ALA n 
1 75 ALA n 
1 76 TRP n 
1 77 SER n 
1 78 HIS n 
1 79 PRO n 
1 80 GLN n 
1 81 PHE n 
1 82 GLU n 
1 83 LYS n 
# 
_entity_src_gen.entity_id                          1 
_entity_src_gen.pdbx_src_id                        1 
_entity_src_gen.pdbx_alt_source_flag               sample 
_entity_src_gen.pdbx_seq_type                      ? 
_entity_src_gen.pdbx_beg_seq_num                   ? 
_entity_src_gen.pdbx_end_seq_num                   ? 
_entity_src_gen.gene_src_common_name               chicken 
_entity_src_gen.gene_src_genus                     Gallus 
_entity_src_gen.pdbx_gene_src_gene                 ? 
_entity_src_gen.gene_src_species                   ? 
_entity_src_gen.gene_src_strain                    ? 
_entity_src_gen.gene_src_tissue                    ? 
_entity_src_gen.gene_src_tissue_fraction           ? 
_entity_src_gen.gene_src_details                   ? 
_entity_src_gen.pdbx_gene_src_fragment             ? 
_entity_src_gen.pdbx_gene_src_scientific_name      'Gallus gallus' 
_entity_src_gen.pdbx_gene_src_ncbi_taxonomy_id     9031 
_entity_src_gen.pdbx_gene_src_variant              ? 
_entity_src_gen.pdbx_gene_src_cell_line            ? 
_entity_src_gen.pdbx_gene_src_atcc                 ? 
_entity_src_gen.pdbx_gene_src_organ                ? 
_entity_src_gen.pdbx_gene_src_organelle            ? 
_entity_src_gen.pdbx_gene_src_cell                 ? 
_entity_src_gen.pdbx_gene_src_cellular_location    ? 
_entity_src_gen.host_org_common_name               ? 
_entity_src_gen.pdbx_host_org_scientific_name      'Escherichia coli' 
_entity_src_gen.pdbx_host_org_ncbi_taxonomy_id     562 
_entity_src_gen.host_org_genus                     Escherichia 
_entity_src_gen.pdbx_host_org_gene                 ? 
_entity_src_gen.pdbx_host_org_organ                ? 
_entity_src_gen.host_org_species                   ? 
_entity_src_gen.pdbx_host_org_tissue               ? 
_entity_src_gen.pdbx_host_org_tissue_fraction      ? 
_entity_src_gen.pdbx_host_org_strain               scs1 
_entity_src_gen.pdbx_host_org_variant              ? 
_entity_src_gen.pdbx_host_org_cell_line            ? 
_entity_src_gen.pdbx_host_org_atcc                 ? 
_entity_src_gen.pdbx_host_org_culture_collection   ? 
_entity_src_gen.pdbx_host_org_cell                 ? 
_entity_src_gen.pdbx_host_org_organelle            ? 
_entity_src_gen.pdbx_host_org_cellular_location    ? 
_entity_src_gen.pdbx_host_org_vector_type          plasmid 
_entity_src_gen.pdbx_host_org_vector               ? 
_entity_src_gen.host_org_details                   ? 
_entity_src_gen.expression_system_id               ? 
_entity_src_gen.plasmid_name                       pQStrep2 
_entity_src_gen.plasmid_details                    ? 
_entity_src_gen.pdbx_description                   ? 
# 
_struct_ref.id                         1 
_struct_ref.db_name                    UNP 
_struct_ref.db_code                    SPTA2_CHICK 
_struct_ref.pdbx_db_accession          P07751 
_struct_ref.entity_id                  1 
_struct_ref.pdbx_seq_one_letter_code   DETGKELVLALYDYQEKSPREVTMKKGDILTLLNSTNKDWWKVEVNDRQGFVPAAYVKKL 
_struct_ref.pdbx_align_begin           965 
_struct_ref.pdbx_db_isoform            ? 
# 
_struct_ref_seq.align_id                      1 
_struct_ref_seq.ref_id                        1 
_struct_ref_seq.pdbx_PDB_id_code              1NEG 
_struct_ref_seq.pdbx_strand_id                A 
_struct_ref_seq.seq_align_beg                 13 
_struct_ref_seq.pdbx_seq_align_beg_ins_code   ? 
_struct_ref_seq.seq_align_end                 72 
_struct_ref_seq.pdbx_seq_align_end_ins_code   ? 
_struct_ref_seq.pdbx_db_accession             P07751 
_struct_ref_seq.db_align_beg                  965 
_struct_ref_seq.pdbx_db_align_beg_ins_code    ? 
_struct_ref_seq.db_align_end                  1024 
_struct_ref_seq.pdbx_db_align_end_ins_code    ? 
_struct_ref_seq.pdbx_auth_seq_align_beg       2 
_struct_ref_seq.pdbx_auth_seq_align_end       61 
# 
loop_
_struct_ref_seq_dif.align_id 
_struct_ref_seq_dif.pdbx_pdb_id_code 
_struct_ref_seq_dif.mon_id 
_struct_ref_seq_dif.pdbx_pdb_strand_id 
_struct_ref_seq_dif.seq_num 
_struct_ref_seq_dif.pdbx_pdb_ins_code 
_struct_ref_seq_dif.pdbx_seq_db_name 
_struct_ref_seq_dif.pdbx_seq_db_accession_code 
_struct_ref_seq_dif.db_mon_id 
_struct_ref_seq_dif.pdbx_seq_db_seq_num 
_struct_ref_seq_dif.details 
_struct_ref_seq_dif.pdbx_auth_seq_num 
_struct_ref_seq_dif.pdbx_ordinal 
1 1NEG MET A 1  ? UNP P07751 ? ? 'initiating methionine' -10 1  
1 1NEG ARG A 2  ? UNP P07751 ? ? 'expression tag'        -9  2  
1 1NEG GLY A 3  ? UNP P07751 ? ? 'expression tag'        -8  3  
1 1NEG SER A 4  ? UNP P07751 ? ? 'expression tag'        -7  4  
1 1NEG HIS A 5  ? UNP P07751 ? ? 'expression tag'        -6  5  
1 1NEG HIS A 6  ? UNP P07751 ? ? 'expression tag'        -5  6  
1 1NEG HIS A 7  ? UNP P07751 ? ? 'expression tag'        -4  7  
1 1NEG HIS A 8  ? UNP P07751 ? ? 'expression tag'        -3  8  
1 1NEG HIS A 9  ? UNP P07751 ? ? 'expression tag'        -2  9  
1 1NEG HIS A 10 ? UNP P07751 ? ? 'expression tag'        -1  10 
1 1NEG GLY A 11 ? UNP P07751 ? ? 'expression tag'        0   11 
1 1NEG SER A 12 ? UNP P07751 ? ? 'expression tag'        1   12 
1 1NEG ALA A 73 ? UNP P07751 ? ? 'SEE REMARK 999'        62  13 
1 1NEG ALA A 74 ? UNP P07751 ? ? 'SEE REMARK 999'        63  14 
1 1NEG ALA A 75 ? UNP P07751 ? ? 'SEE REMARK 999'        64  15 
1 1NEG TRP A 76 ? UNP P07751 ? ? 'SEE REMARK 999'        65  16 
1 1NEG SER A 77 ? UNP P07751 ? ? 'SEE REMARK 999'        66  17 
1 1NEG HIS A 78 ? UNP P07751 ? ? 'SEE REMARK 999'        67  18 
1 1NEG PRO A 79 ? UNP P07751 ? ? 'SEE REMARK 999'        68  19 
1 1NEG GLN A 80 ? UNP P07751 ? ? 'SEE REMARK 999'        69  20 
1 1NEG PHE A 81 ? UNP P07751 ? ? 'SEE REMARK 999'        70  21 
1 1NEG GLU A 82 ? UNP P07751 ? ? 'SEE REMARK 999'        71  22 
1 1NEG LYS A 83 ? UNP P07751 ? ? 'SEE REMARK 999'        72  23 
# 
loop_
_chem_comp.id 
_chem_comp.type 
_chem_comp.mon_nstd_flag 
_chem_comp.name 
_chem_comp.pdbx_synonyms 
_chem_comp.formula 
_chem_comp.formula_weight 
ALA 'L-peptide linking' y ALANINE         ? 'C3 H7 N O2'     89.093  
ARG 'L-peptide linking' y ARGININE        ? 'C6 H15 N4 O2 1' 175.209 
ASN 'L-peptide linking' y ASPARAGINE      ? 'C4 H8 N2 O3'    132.118 
ASP 'L-peptide linking' y 'ASPARTIC ACID' ? 'C4 H7 N O4'     133.103 
AZI non-polymer         . 'AZIDE ION'     ? 'N3 -1'          42.020  
GLN 'L-peptide linking' y GLUTAMINE       ? 'C5 H10 N2 O3'   146.144 
GLU 'L-peptide linking' y 'GLUTAMIC ACID' ? 'C5 H9 N O4'     147.129 
GLY 'peptide linking'   y GLYCINE         ? 'C2 H5 N O2'     75.067  
HIS 'L-peptide linking' y HISTIDINE       ? 'C6 H10 N3 O2 1' 156.162 
HOH non-polymer         . WATER           ? 'H2 O'           18.015  
ILE 'L-peptide linking' y ISOLEUCINE      ? 'C6 H13 N O2'    131.173 
LEU 'L-peptide linking' y LEUCINE         ? 'C6 H13 N O2'    131.173 
LYS 'L-peptide linking' y LYSINE          ? 'C6 H15 N2 O2 1' 147.195 
MET 'L-peptide linking' y METHIONINE      ? 'C5 H11 N O2 S'  149.211 
PHE 'L-peptide linking' y PHENYLALANINE   ? 'C9 H11 N O2'    165.189 
PRO 'L-peptide linking' y PROLINE         ? 'C5 H9 N O2'     115.130 
SER 'L-peptide linking' y SERINE          ? 'C3 H7 N O3'     105.093 
THR 'L-peptide linking' y THREONINE       ? 'C4 H9 N O3'     119.119 
TRP 'L-peptide linking' y TRYPTOPHAN      ? 'C11 H12 N2 O2'  204.225 
TYR 'L-peptide linking' y TYROSINE        ? 'C9 H11 N O3'    181.189 
VAL 'L-peptide linking' y VALINE          ? 'C5 H11 N O2'    117.146 
# 
_exptl.entry_id          1NEG 
_exptl.method            'X-RAY DIFFRACTION' 
_exptl.crystals_number   1 
# 
_exptl_crystal.id                    1 
_exptl_crystal.density_meas          ? 
_exptl_crystal.density_Matthews      2.44 
_exptl_crystal.density_percent_sol   49.16 
_exptl_crystal.description           ? 
_exptl_crystal.F_000                 ? 
_exptl_crystal.preparation           ? 
# 
_exptl_crystal_grow.crystal_id      1 
_exptl_crystal_grow.method          'VAPOR DIFFUSION, HANGING DROP' 
_exptl_crystal_grow.temp            293 
_exptl_crystal_grow.temp_details    ? 
_exptl_crystal_grow.pH              6.5 
_exptl_crystal_grow.pdbx_details    'Dioxane, MES, Ammonium sulfate, pH 6.5, VAPOR DIFFUSION, HANGING DROP, temperature 293K' 
_exptl_crystal_grow.pdbx_pH_range   . 
# 
_diffrn.id                     1 
_diffrn.ambient_temp           110 
_diffrn.ambient_temp_details   ? 
_diffrn.crystal_id             1 
# 
_diffrn_detector.diffrn_id              1 
_diffrn_detector.detector               'IMAGE PLATE' 
_diffrn_detector.type                   MARRESEARCH 
_diffrn_detector.pdbx_collection_date   2000-11-07 
_diffrn_detector.details                mirrors 
# 
_diffrn_radiation.diffrn_id                        1 
_diffrn_radiation.wavelength_id                    1 
_diffrn_radiation.pdbx_monochromatic_or_laue_m_l   M 
_diffrn_radiation.monochromator                    'Supper mirrors' 
_diffrn_radiation.pdbx_diffrn_protocol             'SINGLE WAVELENGTH' 
_diffrn_radiation.pdbx_scattering_type             x-ray 
# 
_diffrn_radiation_wavelength.id           1 
_diffrn_radiation_wavelength.wavelength   1.5418 
_diffrn_radiation_wavelength.wt           1.0 
# 
_diffrn_source.diffrn_id                   1 
_diffrn_source.source                      'ROTATING ANODE' 
_diffrn_source.type                        'RIGAKU RU200' 
_diffrn_source.pdbx_synchrotron_site       ? 
_diffrn_source.pdbx_synchrotron_beamline   ? 
_diffrn_source.pdbx_wavelength             ? 
_diffrn_source.pdbx_wavelength_list        1.5418 
# 
_reflns.entry_id                     1NEG 
_reflns.observed_criterion_sigma_I   0 
_reflns.observed_criterion_sigma_F   0 
_reflns.d_resolution_low             31.1 
_reflns.d_resolution_high            2.3 
_reflns.number_obs                   3858 
_reflns.number_all                   4077 
_reflns.percent_possible_obs         99.2 
_reflns.pdbx_Rmerge_I_obs            ? 
_reflns.pdbx_Rsym_value              0.109 
_reflns.pdbx_netI_over_sigmaI        13.05 
_reflns.B_iso_Wilson_estimate        26.6 
_reflns.pdbx_redundancy              4.27 
_reflns.R_free_details               ? 
_reflns.limit_h_max                  ? 
_reflns.limit_h_min                  ? 
_reflns.limit_k_max                  ? 
_reflns.limit_k_min                  ? 
_reflns.limit_l_max                  ? 
_reflns.limit_l_min                  ? 
_reflns.observed_criterion_F_max     ? 
_reflns.observed_criterion_F_min     ? 
_reflns.pdbx_chi_squared             ? 
_reflns.pdbx_scaling_rejects         ? 
_reflns.pdbx_diffrn_id               1 
_reflns.pdbx_ordinal                 1 
# 
_reflns_shell.d_res_high             2.3 
_reflns_shell.d_res_low              2.33 
_reflns_shell.percent_possible_all   95.6 
_reflns_shell.Rmerge_I_obs           ? 
_reflns_shell.pdbx_Rsym_value        0.461 
_reflns_shell.meanI_over_sigI_obs    1.94 
_reflns_shell.pdbx_redundancy        ? 
_reflns_shell.percent_possible_obs   ? 
_reflns_shell.number_unique_all      130 
_reflns_shell.number_measured_all    ? 
_reflns_shell.number_measured_obs    ? 
_reflns_shell.number_unique_obs      ? 
_reflns_shell.pdbx_chi_squared       ? 
_reflns_shell.pdbx_diffrn_id         ? 
_reflns_shell.pdbx_ordinal           1 
# 
_refine.entry_id                                 1NEG 
_refine.ls_number_reflns_obs                     3858 
_refine.ls_number_reflns_all                     4077 
_refine.pdbx_ls_sigma_I                          0.0 
_refine.pdbx_ls_sigma_F                          0.0 
_refine.pdbx_data_cutoff_high_absF               ? 
_refine.pdbx_data_cutoff_low_absF                ? 
_refine.ls_d_res_low                             31.09 
_refine.ls_d_res_high                            2.30 
_refine.ls_percent_reflns_obs                    95.3 
_refine.ls_R_factor_obs                          0.2 
_refine.ls_R_factor_all                          ? 
_refine.ls_R_factor_R_work                       0.2 
_refine.ls_R_factor_R_free                       0.249 
_refine.ls_R_factor_R_free_error                 0.013 
_refine.ls_R_factor_R_free_error_details         ? 
_refine.ls_percent_reflns_R_free                 9.9 
_refine.ls_number_reflns_R_free                  382 
_refine.ls_number_parameters                     ? 
_refine.ls_number_restraints                     ? 
_refine.occupancy_min                            ? 
_refine.occupancy_max                            ? 
_refine.correlation_coeff_Fo_to_Fc               ? 
_refine.correlation_coeff_Fo_to_Fc_free          ? 
_refine.B_iso_mean                               24.8 
_refine.aniso_B[1][1]                            1.50 
_refine.aniso_B[2][2]                            1.50 
_refine.aniso_B[3][3]                            -3.01 
_refine.aniso_B[1][2]                            0.00 
_refine.aniso_B[1][3]                            0.00 
_refine.aniso_B[2][3]                            0.00 
_refine.solvent_model_details                    'FLAT MODEL' 
_refine.solvent_model_param_ksol                 0.410835 
_refine.solvent_model_param_bsol                 48.9616 
_refine.pdbx_solvent_vdw_probe_radii             ? 
_refine.pdbx_solvent_ion_probe_radii             ? 
_refine.pdbx_solvent_shrinkage_radii             ? 
_refine.pdbx_ls_cross_valid_method               THROUGHOUT 
_refine.details                                  'BULK SOLVENT MODEL USED' 
_refine.pdbx_starting_model                      1SHG 
_refine.pdbx_method_to_determine_struct          'MOLECULAR REPLACEMENT' 
_refine.pdbx_isotropic_thermal_model             RESTRAINED 
_refine.pdbx_stereochemistry_target_values       'Engh & Huber' 
_refine.pdbx_stereochem_target_val_spec_case     ? 
_refine.pdbx_R_Free_selection_details            RANDOM 
_refine.pdbx_overall_ESU_R_Free                  ? 
_refine.overall_SU_B                             ? 
_refine.ls_redundancy_reflns_obs                 ? 
_refine.B_iso_min                                ? 
_refine.B_iso_max                                ? 
_refine.overall_SU_R_Cruickshank_DPI             ? 
_refine.overall_SU_R_free                        ? 
_refine.overall_SU_ML                            ? 
_refine.pdbx_overall_ESU_R                       ? 
_refine.pdbx_data_cutoff_high_rms_absF           ? 
_refine.ls_wR_factor_R_free                      ? 
_refine.ls_wR_factor_R_work                      ? 
_refine.overall_FOM_free_R_set                   ? 
_refine.overall_FOM_work_R_set                   ? 
_refine.pdbx_refine_id                           'X-RAY DIFFRACTION' 
_refine.pdbx_diffrn_id                           1 
_refine.pdbx_TLS_residual_ADP_flag               ? 
_refine.pdbx_overall_phase_error                 ? 
_refine.pdbx_overall_SU_R_free_Cruickshank_DPI   ? 
_refine.pdbx_overall_SU_R_Blow_DPI               ? 
_refine.pdbx_overall_SU_R_free_Blow_DPI          ? 
# 
_refine_analyze.entry_id                        1NEG 
_refine_analyze.Luzzati_coordinate_error_obs    ? 
_refine_analyze.Luzzati_sigma_a_obs             ? 
_refine_analyze.Luzzati_d_res_low_obs           ? 
_refine_analyze.Luzzati_coordinate_error_free   0.35 
_refine_analyze.Luzzati_sigma_a_free            0.31 
_refine_analyze.Luzzati_d_res_low_free          ? 
_refine_analyze.number_disordered_residues      ? 
_refine_analyze.occupancy_sum_hydrogen          ? 
_refine_analyze.occupancy_sum_non_hydrogen      ? 
_refine_analyze.pdbx_Luzzati_d_res_high_obs     ? 
_refine_analyze.pdbx_refine_id                  'X-RAY DIFFRACTION' 
# 
_refine_hist.pdbx_refine_id                   'X-RAY DIFFRACTION' 
_refine_hist.cycle_id                         LAST 
_refine_hist.pdbx_number_atoms_protein        547 
_refine_hist.pdbx_number_atoms_nucleic_acid   0 
_refine_hist.pdbx_number_atoms_ligand         3 
_refine_hist.number_atoms_solvent             46 
_refine_hist.number_atoms_total               596 
_refine_hist.d_res_high                       2.30 
_refine_hist.d_res_low                        31.09 
# 
loop_
_refine_ls_restr.type 
_refine_ls_restr.dev_ideal 
_refine_ls_restr.dev_ideal_target 
_refine_ls_restr.weight 
_refine_ls_restr.number 
_refine_ls_restr.pdbx_refine_id 
_refine_ls_restr.pdbx_restraint_function 
c_bond_d           0.011 ?    ? ? 'X-RAY DIFFRACTION' ? 
c_angle_deg        1.5   ?    ? ? 'X-RAY DIFFRACTION' ? 
c_dihedral_angle_d 26.3  ?    ? ? 'X-RAY DIFFRACTION' ? 
c_improper_angle_d 0.80  ?    ? ? 'X-RAY DIFFRACTION' ? 
c_mcbond_it        1.46  1.50 ? ? 'X-RAY DIFFRACTION' ? 
c_mcangle_it       2.46  2.00 ? ? 'X-RAY DIFFRACTION' ? 
c_scbond_it        2.07  2.00 ? ? 'X-RAY DIFFRACTION' ? 
c_scangle_it       3.10  2.50 ? ? 'X-RAY DIFFRACTION' ? 
# 
_refine_ls_shell.pdbx_total_number_of_bins_used   6 
_refine_ls_shell.d_res_high                       2.30 
_refine_ls_shell.d_res_low                        2.44 
_refine_ls_shell.number_reflns_R_work             517 
_refine_ls_shell.R_factor_R_work                  0.291 
_refine_ls_shell.percent_reflns_obs               87.6 
_refine_ls_shell.R_factor_R_free                  0.301 
_refine_ls_shell.R_factor_R_free_error            0.041 
_refine_ls_shell.percent_reflns_R_free            9.6 
_refine_ls_shell.number_reflns_R_free             55 
_refine_ls_shell.number_reflns_obs                ? 
_refine_ls_shell.redundancy_reflns_obs            ? 
_refine_ls_shell.number_reflns_all                ? 
_refine_ls_shell.pdbx_refine_id                   'X-RAY DIFFRACTION' 
_refine_ls_shell.R_factor_all                     ? 
# 
loop_
_pdbx_xplor_file.serial_no 
_pdbx_xplor_file.param_file 
_pdbx_xplor_file.topol_file 
_pdbx_xplor_file.pdbx_refine_id 
1 PROTEIN_REP.PARAM PROTEIN.TOP       'X-RAY DIFFRACTION' 
2 WATER_REP.PARAM   WATER.TOP         'X-RAY DIFFRACTION' 
3 ION.PARAM         ION.TOP           'X-RAY DIFFRACTION' 
4 AZIDE.PARAM       AZIDE.TOP         'X-RAY DIFFRACTION' 
5 ?                 PROTEIN_BREAK.TOP 'X-RAY DIFFRACTION' 
# 
_struct.entry_id                  1NEG 
_struct.title                     'Crystal Structure Analysis of N-and C-terminal labeled SH3-domain of alpha-Chicken Spectrin' 
_struct.pdbx_model_details        ? 
_struct.pdbx_CASP_flag            ? 
_struct.pdbx_model_type_details   ? 
# 
_struct_keywords.entry_id        1NEG 
_struct_keywords.pdbx_keywords   'STRUCTURAL PROTEIN' 
_struct_keywords.text            'SH3-domain fold, five antiparallel beta sheets, STRUCTURAL PROTEIN' 
# 
loop_
_struct_asym.id 
_struct_asym.pdbx_blank_PDB_chainid_flag 
_struct_asym.pdbx_modified 
_struct_asym.entity_id 
_struct_asym.details 
A N N 1 ? 
B N N 2 ? 
C N N 3 ? 
# 
_struct_sheet.id               A 
_struct_sheet.type             ? 
_struct_sheet.number_strands   5 
_struct_sheet.details          ? 
# 
loop_
_struct_sheet_order.sheet_id 
_struct_sheet_order.range_id_1 
_struct_sheet_order.range_id_2 
_struct_sheet_order.offset 
_struct_sheet_order.sense 
A 1 2 ? anti-parallel 
A 2 3 ? anti-parallel 
A 3 4 ? anti-parallel 
A 4 5 ? anti-parallel 
# 
loop_
_struct_sheet_range.sheet_id 
_struct_sheet_range.id 
_struct_sheet_range.beg_label_comp_id 
_struct_sheet_range.beg_label_asym_id 
_struct_sheet_range.beg_label_seq_id 
_struct_sheet_range.pdbx_beg_PDB_ins_code 
_struct_sheet_range.end_label_comp_id 
_struct_sheet_range.end_label_asym_id 
_struct_sheet_range.end_label_seq_id 
_struct_sheet_range.pdbx_end_PDB_ins_code 
_struct_sheet_range.beg_auth_comp_id 
_struct_sheet_range.beg_auth_asym_id 
_struct_sheet_range.beg_auth_seq_id 
_struct_sheet_range.end_auth_comp_id 
_struct_sheet_range.end_auth_asym_id 
_struct_sheet_range.end_auth_seq_id 
A 1 ARG A 60 ? PRO A 65 ? ARG A 49 PRO A 54 
A 2 TRP A 52 ? VAL A 57 ? TRP A 41 VAL A 46 
A 3 ILE A 41 ? ASN A 46 ? ILE A 30 ASN A 35 
A 4 LEU A 19 ? ALA A 22 ? LEU A 8  ALA A 11 
A 5 VAL A 69 ? LYS A 71 ? VAL A 58 LYS A 60 
# 
loop_
_pdbx_struct_sheet_hbond.sheet_id 
_pdbx_struct_sheet_hbond.range_id_1 
_pdbx_struct_sheet_hbond.range_id_2 
_pdbx_struct_sheet_hbond.range_1_label_atom_id 
_pdbx_struct_sheet_hbond.range_1_label_comp_id 
_pdbx_struct_sheet_hbond.range_1_label_asym_id 
_pdbx_struct_sheet_hbond.range_1_label_seq_id 
_pdbx_struct_sheet_hbond.range_1_PDB_ins_code 
_pdbx_struct_sheet_hbond.range_1_auth_atom_id 
_pdbx_struct_sheet_hbond.range_1_auth_comp_id 
_pdbx_struct_sheet_hbond.range_1_auth_asym_id 
_pdbx_struct_sheet_hbond.range_1_auth_seq_id 
_pdbx_struct_sheet_hbond.range_2_label_atom_id 
_pdbx_struct_sheet_hbond.range_2_label_comp_id 
_pdbx_struct_sheet_hbond.range_2_label_asym_id 
_pdbx_struct_sheet_hbond.range_2_label_seq_id 
_pdbx_struct_sheet_hbond.range_2_PDB_ins_code 
_pdbx_struct_sheet_hbond.range_2_auth_atom_id 
_pdbx_struct_sheet_hbond.range_2_auth_comp_id 
_pdbx_struct_sheet_hbond.range_2_auth_asym_id 
_pdbx_struct_sheet_hbond.range_2_auth_seq_id 
A 1 2 O ARG A 60 ? O ARG A 49 N VAL A 57 ? N VAL A 46 
A 2 3 O LYS A 54 ? O LYS A 43 N ASN A 46 ? N ASN A 35 
A 3 4 O LEU A 42 ? O LEU A 31 N VAL A 20 ? N VAL A 9  
A 4 5 N LEU A 21 ? N LEU A 10 O LYS A 70 ? O LYS A 59 
# 
_struct_site.id                   AC1 
_struct_site.pdbx_evidence_code   Software 
_struct_site.pdbx_auth_asym_id    A 
_struct_site.pdbx_auth_comp_id    AZI 
_struct_site.pdbx_auth_seq_id     201 
_struct_site.pdbx_auth_ins_code   ? 
_struct_site.pdbx_num_residues    4 
_struct_site.details              'BINDING SITE FOR RESIDUE AZI A 201' 
# 
loop_
_struct_site_gen.id 
_struct_site_gen.site_id 
_struct_site_gen.pdbx_num_res 
_struct_site_gen.label_comp_id 
_struct_site_gen.label_asym_id 
_struct_site_gen.label_seq_id 
_struct_site_gen.pdbx_auth_ins_code 
_struct_site_gen.auth_comp_id 
_struct_site_gen.auth_asym_id 
_struct_site_gen.auth_seq_id 
_struct_site_gen.label_atom_id 
_struct_site_gen.label_alt_id 
_struct_site_gen.symmetry 
_struct_site_gen.details 
1 AC1 4 LYS A 70 ? LYS A 59 . ? 1_555 ? 
2 AC1 4 LYS A 70 ? LYS A 59 . ? 8_665 ? 
3 AC1 4 LYS A 71 ? LYS A 60 . ? 1_555 ? 
4 AC1 4 LYS A 71 ? LYS A 60 . ? 8_665 ? 
# 
_atom_sites.entry_id                    1NEG 
_atom_sites.fract_transf_matrix[1][1]   0.01772266 
_atom_sites.fract_transf_matrix[1][2]   -0.01150632 
_atom_sites.fract_transf_matrix[1][3]   0.01113791 
_atom_sites.fract_transf_matrix[2][1]   -0.01023934 
_atom_sites.fract_transf_matrix[2][2]   -0.02091541 
_atom_sites.fract_transf_matrix[2][3]   -0.00531437 
_atom_sites.fract_transf_matrix[3][1]   0.00555069 
_atom_sites.fract_transf_matrix[3][2]   -0.00037483 
_atom_sites.fract_transf_matrix[3][3]   -0.00921950 
_atom_sites.fract_transf_vector[1]      0.694706 
_atom_sites.fract_transf_vector[2]      0.328071 
_atom_sites.fract_transf_vector[3]      0.141568 
# 
loop_
_atom_type.symbol 
C 
N 
O 
S 
# 
loop_
_atom_site.group_PDB 
_atom_site.id 
_atom_site.type_symbol 
_atom_site.label_atom_id 
_atom_site.label_alt_id 
_atom_site.label_comp_id 
_atom_site.label_asym_id 
_atom_site.label_entity_id 
_atom_site.label_seq_id 
_atom_site.pdbx_PDB_ins_code 
_atom_site.Cartn_x 
_atom_site.Cartn_y 
_atom_site.Cartn_z 
_atom_site.occupancy 
_atom_site.B_iso_or_equiv 
_atom_site.pdbx_formal_charge 
_atom_site.auth_seq_id 
_atom_site.auth_comp_id 
_atom_site.auth_asym_id 
_atom_site.auth_atom_id 
_atom_site.pdbx_PDB_model_num 
ATOM   1   N N   . LYS A 1 17 ? 1.784   13.892  3.182   1.00 36.04 ? 6   LYS A N   1 
ATOM   2   C CA  . LYS A 1 17 ? 1.313   12.482  3.341   1.00 35.65 ? 6   LYS A CA  1 
ATOM   3   C C   . LYS A 1 17 ? 1.514   11.652  2.072   1.00 32.74 ? 6   LYS A C   1 
ATOM   4   O O   . LYS A 1 17 ? 1.200   12.073  0.963   1.00 31.31 ? 6   LYS A O   1 
ATOM   5   C CB  . LYS A 1 17 ? -0.155  12.448  3.741   1.00 38.91 ? 6   LYS A CB  1 
ATOM   6   C CG  . LYS A 1 17 ? -0.404  11.639  5.004   1.00 42.99 ? 6   LYS A CG  1 
ATOM   7   C CD  . LYS A 1 17 ? -1.855  11.181  5.070   1.00 46.67 ? 6   LYS A CD  1 
ATOM   8   C CE  . LYS A 1 17 ? -2.233  10.407  3.796   1.00 47.23 ? 6   LYS A CE  1 
ATOM   9   N NZ  . LYS A 1 17 ? -3.588  9.765   3.860   1.00 46.32 ? 6   LYS A NZ  1 
ATOM   10  N N   . GLU A 1 18 ? 2.025   10.447  2.252   1.00 30.45 ? 7   GLU A N   1 
ATOM   11  C CA  . GLU A 1 18 ? 2.309   9.598   1.116   1.00 27.15 ? 7   GLU A CA  1 
ATOM   12  C C   . GLU A 1 18 ? 1.237   8.576   0.811   1.00 22.51 ? 7   GLU A C   1 
ATOM   13  O O   . GLU A 1 18 ? 0.547   8.071   1.703   1.00 19.97 ? 7   GLU A O   1 
ATOM   14  C CB  . GLU A 1 18 ? 3.639   8.913   1.338   1.00 30.08 ? 7   GLU A CB  1 
ATOM   15  C CG  . GLU A 1 18 ? 4.762   9.871   1.698   1.00 35.27 ? 7   GLU A CG  1 
ATOM   16  C CD  . GLU A 1 18 ? 6.092   9.139   1.855   1.00 40.45 ? 7   GLU A CD  1 
ATOM   17  O OE1 . GLU A 1 18 ? 6.645   8.650   0.831   1.00 42.78 ? 7   GLU A OE1 1 
ATOM   18  O OE2 . GLU A 1 18 ? 6.570   9.039   3.007   1.00 41.48 ? 7   GLU A OE2 1 
ATOM   19  N N   . LEU A 1 19 ? 1.113   8.277   -0.473  1.00 18.88 ? 8   LEU A N   1 
ATOM   20  C CA  . LEU A 1 19 ? 0.117   7.337   -0.949  1.00 17.01 ? 8   LEU A CA  1 
ATOM   21  C C   . LEU A 1 19 ? 0.740   6.270   -1.849  1.00 16.79 ? 8   LEU A C   1 
ATOM   22  O O   . LEU A 1 19 ? 1.746   6.518   -2.522  1.00 16.83 ? 8   LEU A O   1 
ATOM   23  C CB  . LEU A 1 19 ? -0.959  8.086   -1.740  1.00 13.00 ? 8   LEU A CB  1 
ATOM   24  C CG  . LEU A 1 19 ? -1.653  9.259   -1.049  1.00 13.08 ? 8   LEU A CG  1 
ATOM   25  C CD1 . LEU A 1 19 ? -2.446  10.051  -2.092  1.00 10.56 ? 8   LEU A CD1 1 
ATOM   26  C CD2 . LEU A 1 19 ? -2.559  8.747   0.073   1.00 9.89  ? 8   LEU A CD2 1 
ATOM   27  N N   . VAL A 1 20 ? 0.135   5.082   -1.844  1.00 14.14 ? 9   VAL A N   1 
ATOM   28  C CA  . VAL A 1 20 ? 0.574   3.984   -2.686  1.00 13.39 ? 9   VAL A CA  1 
ATOM   29  C C   . VAL A 1 20 ? -0.668  3.369   -3.304  1.00 15.27 ? 9   VAL A C   1 
ATOM   30  O O   . VAL A 1 20 ? -1.762  3.398   -2.713  1.00 15.76 ? 9   VAL A O   1 
ATOM   31  C CB  . VAL A 1 20 ? 1.290   2.878   -1.904  1.00 13.79 ? 9   VAL A CB  1 
ATOM   32  C CG1 . VAL A 1 20 ? 2.559   3.426   -1.263  1.00 13.73 ? 9   VAL A CG1 1 
ATOM   33  C CG2 . VAL A 1 20 ? 0.348   2.294   -0.856  1.00 12.88 ? 9   VAL A CG2 1 
ATOM   34  N N   . LEU A 1 21 ? -0.474  2.806   -4.490  1.00 15.15 ? 10  LEU A N   1 
ATOM   35  C CA  . LEU A 1 21 ? -1.514  2.165   -5.285  1.00 15.23 ? 10  LEU A CA  1 
ATOM   36  C C   . LEU A 1 21 ? -1.320  0.661   -5.188  1.00 15.79 ? 10  LEU A C   1 
ATOM   37  O O   . LEU A 1 21 ? -0.193  0.176   -5.336  1.00 17.48 ? 10  LEU A O   1 
ATOM   38  C CB  . LEU A 1 21 ? -1.356  2.584   -6.746  1.00 14.42 ? 10  LEU A CB  1 
ATOM   39  C CG  . LEU A 1 21 ? -2.221  1.923   -7.803  1.00 15.30 ? 10  LEU A CG  1 
ATOM   40  C CD1 . LEU A 1 21 ? -3.636  2.459   -7.694  1.00 16.66 ? 10  LEU A CD1 1 
ATOM   41  C CD2 . LEU A 1 21 ? -1.641  2.205   -9.180  1.00 14.39 ? 10  LEU A CD2 1 
ATOM   42  N N   . ALA A 1 22 ? -2.396  -0.074  -4.931  1.00 14.59 ? 11  ALA A N   1 
ATOM   43  C CA  . ALA A 1 22 ? -2.303  -1.523  -4.855  1.00 13.82 ? 11  ALA A CA  1 
ATOM   44  C C   . ALA A 1 22 ? -2.320  -2.004  -6.300  1.00 15.41 ? 11  ALA A C   1 
ATOM   45  O O   . ALA A 1 22 ? -3.286  -1.747  -7.042  1.00 15.24 ? 11  ALA A O   1 
ATOM   46  C CB  . ALA A 1 22 ? -3.483  -2.086  -4.092  1.00 14.43 ? 11  ALA A CB  1 
ATOM   47  N N   . LEU A 1 23 ? -1.241  -2.666  -6.705  1.00 14.00 ? 12  LEU A N   1 
ATOM   48  C CA  . LEU A 1 23 ? -1.117  -3.174  -8.059  1.00 14.57 ? 12  LEU A CA  1 
ATOM   49  C C   . LEU A 1 23 ? -1.927  -4.455  -8.240  1.00 15.99 ? 12  LEU A C   1 
ATOM   50  O O   . LEU A 1 23 ? -2.311  -4.795  -9.366  1.00 16.25 ? 12  LEU A O   1 
ATOM   51  C CB  . LEU A 1 23 ? 0.357   -3.443  -8.376  1.00 12.62 ? 12  LEU A CB  1 
ATOM   52  C CG  . LEU A 1 23 ? 1.305   -2.248  -8.208  1.00 14.82 ? 12  LEU A CG  1 
ATOM   53  C CD1 . LEU A 1 23 ? 2.703   -2.607  -8.724  1.00 10.84 ? 12  LEU A CD1 1 
ATOM   54  C CD2 . LEU A 1 23 ? 0.744   -1.030  -8.985  1.00 12.74 ? 12  LEU A CD2 1 
ATOM   55  N N   . TYR A 1 24 ? -2.174  -5.152  -7.122  1.00 16.20 ? 13  TYR A N   1 
ATOM   56  C CA  . TYR A 1 24 ? -2.923  -6.416  -7.101  1.00 16.53 ? 13  TYR A CA  1 
ATOM   57  C C   . TYR A 1 24 ? -3.628  -6.576  -5.765  1.00 17.80 ? 13  TYR A C   1 
ATOM   58  O O   . TYR A 1 24 ? -3.324  -5.859  -4.807  1.00 18.31 ? 13  TYR A O   1 
ATOM   59  C CB  . TYR A 1 24 ? -1.976  -7.612  -7.242  1.00 16.28 ? 13  TYR A CB  1 
ATOM   60  C CG  . TYR A 1 24 ? -0.731  -7.338  -8.056  1.00 18.96 ? 13  TYR A CG  1 
ATOM   61  C CD1 . TYR A 1 24 ? -0.761  -7.371  -9.446  1.00 17.75 ? 13  TYR A CD1 1 
ATOM   62  C CD2 . TYR A 1 24 ? 0.485   -7.063  -7.430  1.00 17.54 ? 13  TYR A CD2 1 
ATOM   63  C CE1 . TYR A 1 24 ? 0.387   -7.147  -10.192 1.00 18.30 ? 13  TYR A CE1 1 
ATOM   64  C CE2 . TYR A 1 24 ? 1.625   -6.836  -8.161  1.00 18.26 ? 13  TYR A CE2 1 
ATOM   65  C CZ  . TYR A 1 24 ? 1.574   -6.883  -9.547  1.00 19.42 ? 13  TYR A CZ  1 
ATOM   66  O OH  . TYR A 1 24 ? 2.717   -6.675  -10.283 1.00 20.25 ? 13  TYR A OH  1 
ATOM   67  N N   . ASP A 1 25 ? -4.558  -7.530  -5.686  1.00 19.14 ? 14  ASP A N   1 
ATOM   68  C CA  . ASP A 1 25 ? -5.243  -7.800  -4.418  1.00 19.51 ? 14  ASP A CA  1 
ATOM   69  C C   . ASP A 1 25 ? -4.237  -8.511  -3.534  1.00 18.16 ? 14  ASP A C   1 
ATOM   70  O O   . ASP A 1 25 ? -3.346  -9.195  -4.024  1.00 17.59 ? 14  ASP A O   1 
ATOM   71  C CB  . ASP A 1 25 ? -6.423  -8.782  -4.567  1.00 20.47 ? 14  ASP A CB  1 
ATOM   72  C CG  . ASP A 1 25 ? -7.494  -8.303  -5.512  1.00 21.59 ? 14  ASP A CG  1 
ATOM   73  O OD1 . ASP A 1 25 ? -7.696  -7.081  -5.671  1.00 24.72 ? 14  ASP A OD1 1 
ATOM   74  O OD2 . ASP A 1 25 ? -8.152  -9.174  -6.099  1.00 24.11 ? 14  ASP A OD2 1 
ATOM   75  N N   . TYR A 1 26 ? -4.392  -8.366  -2.228  1.00 18.64 ? 15  TYR A N   1 
ATOM   76  C CA  . TYR A 1 26 ? -3.525  -9.065  -1.295  1.00 18.67 ? 15  TYR A CA  1 
ATOM   77  C C   . TYR A 1 26 ? -4.343  -9.434  -0.068  1.00 19.77 ? 15  TYR A C   1 
ATOM   78  O O   . TYR A 1 26 ? -4.990  -8.580  0.530   1.00 19.68 ? 15  TYR A O   1 
ATOM   79  C CB  . TYR A 1 26 ? -2.340  -8.202  -0.862  1.00 19.48 ? 15  TYR A CB  1 
ATOM   80  C CG  . TYR A 1 26 ? -1.422  -8.951  0.077   1.00 19.41 ? 15  TYR A CG  1 
ATOM   81  C CD1 . TYR A 1 26 ? -0.659  -10.020 -0.384  1.00 18.38 ? 15  TYR A CD1 1 
ATOM   82  C CD2 . TYR A 1 26 ? -1.375  -8.641  1.438   1.00 18.89 ? 15  TYR A CD2 1 
ATOM   83  C CE1 . TYR A 1 26 ? 0.122   -10.769 0.480   1.00 19.80 ? 15  TYR A CE1 1 
ATOM   84  C CE2 . TYR A 1 26 ? -0.591  -9.388  2.319   1.00 19.51 ? 15  TYR A CE2 1 
ATOM   85  C CZ  . TYR A 1 26 ? 0.154   -10.455 1.827   1.00 19.47 ? 15  TYR A CZ  1 
ATOM   86  O OH  . TYR A 1 26 ? 0.915   -11.230 2.680   1.00 22.06 ? 15  TYR A OH  1 
ATOM   87  N N   . GLN A 1 27 ? -4.309  -10.708 0.301   1.00 21.91 ? 16  GLN A N   1 
ATOM   88  C CA  . GLN A 1 27 ? -5.050  -11.202 1.457   1.00 25.54 ? 16  GLN A CA  1 
ATOM   89  C C   . GLN A 1 27 ? -4.070  -11.354 2.632   1.00 25.41 ? 16  GLN A C   1 
ATOM   90  O O   . GLN A 1 27 ? -3.072  -12.086 2.533   1.00 24.44 ? 16  GLN A O   1 
ATOM   91  C CB  . GLN A 1 27 ? -5.691  -12.552 1.100   1.00 29.65 ? 16  GLN A CB  1 
ATOM   92  C CG  . GLN A 1 27 ? -6.890  -12.949 1.938   1.00 36.90 ? 16  GLN A CG  1 
ATOM   93  C CD  . GLN A 1 27 ? -8.079  -11.987 1.771   1.00 42.92 ? 16  GLN A CD  1 
ATOM   94  O OE1 . GLN A 1 27 ? -8.546  -11.730 0.647   1.00 45.50 ? 16  GLN A OE1 1 
ATOM   95  N NE2 . GLN A 1 27 ? -8.578  -11.458 2.898   1.00 44.26 ? 16  GLN A NE2 1 
ATOM   96  N N   . GLU A 1 28 ? -4.340  -10.662 3.735   1.00 24.60 ? 17  GLU A N   1 
ATOM   97  C CA  . GLU A 1 28 ? -3.448  -10.728 4.896   1.00 26.85 ? 17  GLU A CA  1 
ATOM   98  C C   . GLU A 1 28 ? -3.232  -12.176 5.343   1.00 26.02 ? 17  GLU A C   1 
ATOM   99  O O   . GLU A 1 28 ? -4.177  -12.954 5.408   1.00 25.57 ? 17  GLU A O   1 
ATOM   100 C CB  . GLU A 1 28 ? -4.018  -9.899  6.057   1.00 27.86 ? 17  GLU A CB  1 
ATOM   101 C CG  . GLU A 1 28 ? -5.326  -10.441 6.615   1.00 32.65 ? 17  GLU A CG  1 
ATOM   102 C CD  . GLU A 1 28 ? -6.023  -9.444  7.507   1.00 37.01 ? 17  GLU A CD  1 
ATOM   103 O OE1 . GLU A 1 28 ? -6.738  -8.575  6.957   1.00 38.77 ? 17  GLU A OE1 1 
ATOM   104 O OE2 . GLU A 1 28 ? -5.844  -9.515  8.753   1.00 40.10 ? 17  GLU A OE2 1 
ATOM   105 N N   . LYS A 1 29 ? -1.992  -12.537 5.637   1.00 25.95 ? 18  LYS A N   1 
ATOM   106 C CA  . LYS A 1 29 ? -1.695  -13.893 6.063   1.00 26.63 ? 18  LYS A CA  1 
ATOM   107 C C   . LYS A 1 29 ? -1.566  -13.995 7.568   1.00 26.54 ? 18  LYS A C   1 
ATOM   108 O O   . LYS A 1 29 ? -1.432  -15.080 8.108   1.00 26.97 ? 18  LYS A O   1 
ATOM   109 C CB  . LYS A 1 29 ? -0.401  -14.380 5.419   1.00 28.87 ? 18  LYS A CB  1 
ATOM   110 C CG  . LYS A 1 29 ? -0.435  -14.472 3.896   1.00 30.63 ? 18  LYS A CG  1 
ATOM   111 C CD  . LYS A 1 29 ? 0.970   -14.798 3.368   1.00 33.09 ? 18  LYS A CD  1 
ATOM   112 C CE  . LYS A 1 29 ? 1.065   -14.646 1.857   1.00 33.23 ? 18  LYS A CE  1 
ATOM   113 N NZ  . LYS A 1 29 ? 0.033   -15.463 1.182   1.00 35.02 ? 18  LYS A NZ  1 
ATOM   114 N N   . SER A 1 30 ? -1.604  -12.863 8.251   1.00 26.58 ? 19  SER A N   1 
ATOM   115 C CA  . SER A 1 30 ? -1.490  -12.860 9.701   1.00 26.31 ? 19  SER A CA  1 
ATOM   116 C C   . SER A 1 30 ? -1.924  -11.497 10.204  1.00 25.30 ? 19  SER A C   1 
ATOM   117 O O   . SER A 1 30 ? -1.969  -10.540 9.436   1.00 23.78 ? 19  SER A O   1 
ATOM   118 C CB  . SER A 1 30 ? -0.046  -13.117 10.129  1.00 26.57 ? 19  SER A CB  1 
ATOM   119 O OG  . SER A 1 30 ? 0.778   -12.058 9.687   1.00 28.62 ? 19  SER A OG  1 
ATOM   120 N N   . PRO A 1 31 ? -2.228  -11.385 11.517  1.00 25.49 ? 20  PRO A N   1 
ATOM   121 C CA  . PRO A 1 31 ? -2.669  -10.124 12.139  1.00 24.42 ? 20  PRO A CA  1 
ATOM   122 C C   . PRO A 1 31 ? -1.757  -8.914  11.962  1.00 23.12 ? 20  PRO A C   1 
ATOM   123 O O   . PRO A 1 31 ? -2.199  -7.777  12.146  1.00 24.45 ? 20  PRO A O   1 
ATOM   124 C CB  . PRO A 1 31 ? -2.853  -10.503 13.618  1.00 24.21 ? 20  PRO A CB  1 
ATOM   125 C CG  . PRO A 1 31 ? -3.253  -11.951 13.530  1.00 23.24 ? 20  PRO A CG  1 
ATOM   126 C CD  . PRO A 1 31 ? -2.304  -12.499 12.484  1.00 22.92 ? 20  PRO A CD  1 
ATOM   127 N N   . ARG A 1 32 ? -0.489  -9.119  11.632  1.00 22.02 ? 21  ARG A N   1 
ATOM   128 C CA  . ARG A 1 32 ? 0.344   -7.934  11.457  1.00 22.76 ? 21  ARG A CA  1 
ATOM   129 C C   . ARG A 1 32 ? 0.190   -7.369  10.039  1.00 21.85 ? 21  ARG A C   1 
ATOM   130 O O   . ARG A 1 32 ? 0.666   -6.278  9.744   1.00 21.55 ? 21  ARG A O   1 
ATOM   131 C CB  . ARG A 1 32 ? 1.809   -8.240  11.773  1.00 21.99 ? 21  ARG A CB  1 
ATOM   132 C CG  . ARG A 1 32 ? 2.671   -8.547  10.595  1.00 23.13 ? 21  ARG A CG  1 
ATOM   133 C CD  . ARG A 1 32 ? 4.112   -8.741  11.024  1.00 25.22 ? 21  ARG A CD  1 
ATOM   134 N NE  . ARG A 1 32 ? 4.831   -9.515  10.023  1.00 28.36 ? 21  ARG A NE  1 
ATOM   135 C CZ  . ARG A 1 32 ? 5.998   -10.120 10.222  1.00 30.84 ? 21  ARG A CZ  1 
ATOM   136 N NH1 . ARG A 1 32 ? 6.609   -10.053 11.401  1.00 29.97 ? 21  ARG A NH1 1 
ATOM   137 N NH2 . ARG A 1 32 ? 6.555   -10.799 9.227   1.00 34.51 ? 21  ARG A NH2 1 
ATOM   138 N N   . GLU A 1 33 ? -0.521  -8.104  9.186   1.00 21.32 ? 22  GLU A N   1 
ATOM   139 C CA  . GLU A 1 33 ? -0.733  -7.708  7.795   1.00 21.30 ? 22  GLU A CA  1 
ATOM   140 C C   . GLU A 1 33 ? -2.135  -7.151  7.572   1.00 22.57 ? 22  GLU A C   1 
ATOM   141 O O   . GLU A 1 33 ? -2.988  -7.257  8.450   1.00 23.90 ? 22  GLU A O   1 
ATOM   142 C CB  . GLU A 1 33 ? -0.489  -8.911  6.876   1.00 19.29 ? 22  GLU A CB  1 
ATOM   143 C CG  . GLU A 1 33 ? 0.966   -9.402  6.896   1.00 20.66 ? 22  GLU A CG  1 
ATOM   144 C CD  . GLU A 1 33 ? 1.217   -10.579 5.976   1.00 22.09 ? 22  GLU A CD  1 
ATOM   145 O OE1 . GLU A 1 33 ? 0.351   -10.871 5.130   1.00 22.35 ? 22  GLU A OE1 1 
ATOM   146 O OE2 . GLU A 1 33 ? 2.292   -11.210 6.092   1.00 23.15 ? 22  GLU A OE2 1 
ATOM   147 N N   . VAL A 1 34 ? -2.358  -6.524  6.418   1.00 23.39 ? 23  VAL A N   1 
ATOM   148 C CA  . VAL A 1 34 ? -3.679  -5.988  6.077   1.00 23.60 ? 23  VAL A CA  1 
ATOM   149 C C   . VAL A 1 34 ? -4.053  -6.479  4.696   1.00 22.62 ? 23  VAL A C   1 
ATOM   150 O O   . VAL A 1 34 ? -3.186  -6.855  3.909   1.00 19.58 ? 23  VAL A O   1 
ATOM   151 C CB  . VAL A 1 34 ? -3.727  -4.428  6.069   1.00 25.14 ? 23  VAL A CB  1 
ATOM   152 C CG1 . VAL A 1 34 ? -3.932  -3.920  7.473   1.00 28.11 ? 23  VAL A CG1 1 
ATOM   153 C CG2 . VAL A 1 34 ? -2.444  -3.850  5.489   1.00 22.98 ? 23  VAL A CG2 1 
ATOM   154 N N   . THR A 1 35 ? -5.351  -6.482  4.417   1.00 21.49 ? 24  THR A N   1 
ATOM   155 C CA  . THR A 1 35 ? -5.872  -6.911  3.127   1.00 21.40 ? 24  THR A CA  1 
ATOM   156 C C   . THR A 1 35 ? -6.137  -5.687  2.249   1.00 21.66 ? 24  THR A C   1 
ATOM   157 O O   . THR A 1 35 ? -6.537  -4.633  2.742   1.00 19.83 ? 24  THR A O   1 
ATOM   158 C CB  . THR A 1 35 ? -7.188  -7.693  3.310   1.00 22.06 ? 24  THR A CB  1 
ATOM   159 O OG1 . THR A 1 35 ? -6.905  -8.934  3.965   1.00 24.91 ? 24  THR A OG1 1 
ATOM   160 C CG2 . THR A 1 35 ? -7.879  -7.954  1.971   1.00 20.00 ? 24  THR A CG2 1 
ATOM   161 N N   . MET A 1 36 ? -5.897  -5.819  0.948   1.00 22.46 ? 25  MET A N   1 
ATOM   162 C CA  . MET A 1 36 ? -6.150  -4.713  0.035   1.00 21.92 ? 25  MET A CA  1 
ATOM   163 C C   . MET A 1 36 ? -6.650  -5.249  -1.280  1.00 20.44 ? 25  MET A C   1 
ATOM   164 O O   . MET A 1 36 ? -6.363  -6.398  -1.628  1.00 19.69 ? 25  MET A O   1 
ATOM   165 C CB  . MET A 1 36 ? -4.883  -3.882  -0.195  1.00 21.90 ? 25  MET A CB  1 
ATOM   166 C CG  . MET A 1 36 ? -3.759  -4.607  -0.878  1.00 21.36 ? 25  MET A CG  1 
ATOM   167 S SD  . MET A 1 36 ? -2.261  -3.578  -0.879  1.00 22.76 ? 25  MET A SD  1 
ATOM   168 C CE  . MET A 1 36 ? -1.179  -4.593  -1.928  1.00 19.93 ? 25  MET A CE  1 
ATOM   169 N N   . LYS A 1 37 ? -7.415  -4.420  -1.989  1.00 19.21 ? 26  LYS A N   1 
ATOM   170 C CA  . LYS A 1 37 ? -7.955  -4.781  -3.292  1.00 19.19 ? 26  LYS A CA  1 
ATOM   171 C C   . LYS A 1 37 ? -7.201  -4.015  -4.377  1.00 18.97 ? 26  LYS A C   1 
ATOM   172 O O   . LYS A 1 37 ? -6.760  -2.866  -4.178  1.00 17.28 ? 26  LYS A O   1 
ATOM   173 C CB  . LYS A 1 37 ? -9.443  -4.424  -3.395  1.00 21.82 ? 26  LYS A CB  1 
ATOM   174 C CG  A LYS A 1 37 ? -10.024 -4.634  -4.802  0.50 23.54 ? 26  LYS A CG  1 
ATOM   175 C CG  B LYS A 1 37 ? -10.377 -5.112  -2.407  0.50 22.66 ? 26  LYS A CG  1 
ATOM   176 C CD  A LYS A 1 37 ? -10.193 -6.114  -5.143  0.50 25.77 ? 26  LYS A CD  1 
ATOM   177 C CD  B LYS A 1 37 ? -11.823 -4.682  -2.694  0.50 24.05 ? 26  LYS A CD  1 
ATOM   178 C CE  A LYS A 1 37 ? -10.352 -6.332  -6.641  0.50 25.92 ? 26  LYS A CE  1 
ATOM   179 C CE  B LYS A 1 37 ? -12.847 -5.565  -2.012  0.50 25.50 ? 26  LYS A CE  1 
ATOM   180 N NZ  A LYS A 1 37 ? -10.538 -7.762  -6.973  0.50 27.66 ? 26  LYS A NZ  1 
ATOM   181 N NZ  B LYS A 1 37 ? -14.214 -5.264  -2.529  0.50 26.10 ? 26  LYS A NZ  1 
ATOM   182 N N   . LYS A 1 38 ? -7.050  -4.646  -5.532  1.00 19.91 ? 27  LYS A N   1 
ATOM   183 C CA  . LYS A 1 38 ? -6.376  -4.010  -6.661  1.00 20.82 ? 27  LYS A CA  1 
ATOM   184 C C   . LYS A 1 38 ? -7.044  -2.654  -6.891  1.00 20.77 ? 27  LYS A C   1 
ATOM   185 O O   . LYS A 1 38 ? -8.270  -2.538  -6.844  1.00 21.29 ? 27  LYS A O   1 
ATOM   186 C CB  . LYS A 1 38 ? -6.524  -4.878  -7.911  1.00 22.94 ? 27  LYS A CB  1 
ATOM   187 C CG  . LYS A 1 38 ? -5.930  -4.281  -9.181  1.00 26.47 ? 27  LYS A CG  1 
ATOM   188 C CD  . LYS A 1 38 ? -6.418  -5.035  -10.395 1.00 26.98 ? 27  LYS A CD  1 
ATOM   189 C CE  . LYS A 1 38 ? -5.645  -4.651  -11.641 1.00 29.10 ? 27  LYS A CE  1 
ATOM   190 N NZ  . LYS A 1 38 ? -4.212  -5.092  -11.576 1.00 33.54 ? 27  LYS A NZ  1 
ATOM   191 N N   . GLY A 1 39 ? -6.246  -1.625  -7.121  1.00 20.66 ? 28  GLY A N   1 
ATOM   192 C CA  . GLY A 1 39 ? -6.820  -0.316  -7.327  1.00 18.17 ? 28  GLY A CA  1 
ATOM   193 C C   . GLY A 1 39 ? -6.986  0.503   -6.057  1.00 18.03 ? 28  GLY A C   1 
ATOM   194 O O   . GLY A 1 39 ? -7.377  1.653   -6.140  1.00 17.91 ? 28  GLY A O   1 
ATOM   195 N N   . ASP A 1 40 ? -6.711  -0.062  -4.882  1.00 18.79 ? 29  ASP A N   1 
ATOM   196 C CA  . ASP A 1 40 ? -6.851  0.704   -3.639  1.00 18.18 ? 29  ASP A CA  1 
ATOM   197 C C   . ASP A 1 40 ? -5.765  1.767   -3.537  1.00 18.22 ? 29  ASP A C   1 
ATOM   198 O O   . ASP A 1 40 ? -4.647  1.542   -3.982  1.00 19.42 ? 29  ASP A O   1 
ATOM   199 C CB  . ASP A 1 40 ? -6.718  -0.197  -2.413  1.00 20.38 ? 29  ASP A CB  1 
ATOM   200 C CG  . ASP A 1 40 ? -7.996  -0.928  -2.069  1.00 20.99 ? 29  ASP A CG  1 
ATOM   201 O OD1 . ASP A 1 40 ? -9.029  -0.644  -2.700  1.00 21.65 ? 29  ASP A OD1 1 
ATOM   202 O OD2 . ASP A 1 40 ? -7.960  -1.785  -1.152  1.00 22.58 ? 29  ASP A OD2 1 
ATOM   203 N N   . ILE A 1 41 ? -6.100  2.924   -2.968  1.00 17.17 ? 30  ILE A N   1 
ATOM   204 C CA  . ILE A 1 41 ? -5.140  3.998   -2.764  1.00 14.18 ? 30  ILE A CA  1 
ATOM   205 C C   . ILE A 1 41 ? -4.930  3.956   -1.265  1.00 14.07 ? 30  ILE A C   1 
ATOM   206 O O   . ILE A 1 41 ? -5.825  4.309   -0.517  1.00 13.34 ? 30  ILE A O   1 
ATOM   207 C CB  . ILE A 1 41 ? -5.719  5.389   -3.146  1.00 14.23 ? 30  ILE A CB  1 
ATOM   208 C CG1 . ILE A 1 41 ? -6.049  5.435   -4.643  1.00 14.79 ? 30  ILE A CG1 1 
ATOM   209 C CG2 . ILE A 1 41 ? -4.698  6.488   -2.837  1.00 12.06 ? 30  ILE A CG2 1 
ATOM   210 C CD1 . ILE A 1 41 ? -4.843  5.355   -5.543  1.00 10.54 ? 30  ILE A CD1 1 
ATOM   211 N N   . LEU A 1 42 ? -3.766  3.517   -0.802  1.00 13.68 ? 31  LEU A N   1 
ATOM   212 C CA  . LEU A 1 42 ? -3.587  3.444   0.631   1.00 13.47 ? 31  LEU A CA  1 
ATOM   213 C C   . LEU A 1 42 ? -2.650  4.510   1.173   1.00 14.08 ? 31  LEU A C   1 
ATOM   214 O O   . LEU A 1 42 ? -1.771  5.002   0.473   1.00 15.37 ? 31  LEU A O   1 
ATOM   215 C CB  . LEU A 1 42 ? -3.082  2.049   1.033   1.00 16.77 ? 31  LEU A CB  1 
ATOM   216 C CG  . LEU A 1 42 ? -3.770  0.803   0.456   1.00 17.12 ? 31  LEU A CG  1 
ATOM   217 C CD1 . LEU A 1 42 ? -3.142  0.449   -0.875  1.00 21.64 ? 31  LEU A CD1 1 
ATOM   218 C CD2 . LEU A 1 42 ? -3.579  -0.357  1.374   1.00 19.00 ? 31  LEU A CD2 1 
ATOM   219 N N   . THR A 1 43 ? -2.847  4.881   2.427   1.00 14.29 ? 32  THR A N   1 
ATOM   220 C CA  . THR A 1 43 ? -1.966  5.854   3.051   1.00 16.21 ? 32  THR A CA  1 
ATOM   221 C C   . THR A 1 43 ? -0.682  5.115   3.459   1.00 16.40 ? 32  THR A C   1 
ATOM   222 O O   . THR A 1 43 ? -0.745  4.127   4.187   1.00 16.04 ? 32  THR A O   1 
ATOM   223 C CB  . THR A 1 43 ? -2.653  6.451   4.266   1.00 17.06 ? 32  THR A CB  1 
ATOM   224 O OG1 . THR A 1 43 ? -3.779  7.219   3.818   1.00 20.49 ? 32  THR A OG1 1 
ATOM   225 C CG2 . THR A 1 43 ? -1.705  7.336   5.048   1.00 16.03 ? 32  THR A CG2 1 
ATOM   226 N N   . LEU A 1 44 ? 0.470   5.575   2.969   1.00 16.96 ? 33  LEU A N   1 
ATOM   227 C CA  . LEU A 1 44 ? 1.757   4.928   3.277   1.00 17.54 ? 33  LEU A CA  1 
ATOM   228 C C   . LEU A 1 44 ? 2.317   5.384   4.641   1.00 17.99 ? 33  LEU A C   1 
ATOM   229 O O   . LEU A 1 44 ? 2.679   6.551   4.811   1.00 17.79 ? 33  LEU A O   1 
ATOM   230 C CB  . LEU A 1 44 ? 2.785   5.211   2.157   1.00 13.91 ? 33  LEU A CB  1 
ATOM   231 C CG  . LEU A 1 44 ? 4.219   4.650   2.282   1.00 12.85 ? 33  LEU A CG  1 
ATOM   232 C CD1 . LEU A 1 44 ? 4.201   3.151   2.575   1.00 11.32 ? 33  LEU A CD1 1 
ATOM   233 C CD2 . LEU A 1 44 ? 4.978   4.888   0.989   1.00 10.37 ? 33  LEU A CD2 1 
ATOM   234 N N   . LEU A 1 45 ? 2.389   4.466   5.605   1.00 16.63 ? 34  LEU A N   1 
ATOM   235 C CA  . LEU A 1 45 ? 2.899   4.825   6.932   1.00 18.44 ? 34  LEU A CA  1 
ATOM   236 C C   . LEU A 1 45 ? 4.409   4.608   7.083   1.00 17.74 ? 34  LEU A C   1 
ATOM   237 O O   . LEU A 1 45 ? 5.100   5.408   7.716   1.00 16.93 ? 34  LEU A O   1 
ATOM   238 C CB  . LEU A 1 45 ? 2.151   4.039   8.028   1.00 17.89 ? 34  LEU A CB  1 
ATOM   239 C CG  . LEU A 1 45 ? 0.637   4.279   8.108   1.00 17.71 ? 34  LEU A CG  1 
ATOM   240 C CD1 . LEU A 1 45 ? 0.020   3.310   9.077   1.00 15.29 ? 34  LEU A CD1 1 
ATOM   241 C CD2 . LEU A 1 45 ? 0.360   5.726   8.526   1.00 16.48 ? 34  LEU A CD2 1 
ATOM   242 N N   . ASN A 1 46 ? 4.930   3.549   6.476   1.00 17.90 ? 35  ASN A N   1 
ATOM   243 C CA  . ASN A 1 46 ? 6.355   3.262   6.603   1.00 17.12 ? 35  ASN A CA  1 
ATOM   244 C C   . ASN A 1 46 ? 6.886   2.460   5.434   1.00 15.91 ? 35  ASN A C   1 
ATOM   245 O O   . ASN A 1 46 ? 6.371   1.380   5.148   1.00 15.33 ? 35  ASN A O   1 
ATOM   246 C CB  . ASN A 1 46 ? 6.616   2.476   7.897   1.00 16.43 ? 35  ASN A CB  1 
ATOM   247 C CG  . ASN A 1 46 ? 8.064   2.531   8.326   1.00 17.05 ? 35  ASN A CG  1 
ATOM   248 O OD1 . ASN A 1 46 ? 8.976   2.218   7.556   1.00 19.50 ? 35  ASN A OD1 1 
ATOM   249 N ND2 . ASN A 1 46 ? 8.287   2.937   9.558   1.00 16.67 ? 35  ASN A ND2 1 
ATOM   250 N N   . SER A 1 47 ? 7.923   2.978   4.777   1.00 16.24 ? 36  SER A N   1 
ATOM   251 C CA  . SER A 1 47 ? 8.525   2.293   3.639   1.00 17.73 ? 36  SER A CA  1 
ATOM   252 C C   . SER A 1 47 ? 10.030  2.107   3.834   1.00 17.40 ? 36  SER A C   1 
ATOM   253 O O   . SER A 1 47 ? 10.771  1.902   2.870   1.00 15.59 ? 36  SER A O   1 
ATOM   254 C CB  . SER A 1 47 ? 8.274   3.068   2.335   1.00 18.08 ? 36  SER A CB  1 
ATOM   255 O OG  . SER A 1 47 ? 8.925   4.326   2.337   1.00 23.51 ? 36  SER A OG  1 
ATOM   256 N N   . THR A 1 48 ? 10.482  2.147   5.079   1.00 16.38 ? 37  THR A N   1 
ATOM   257 C CA  . THR A 1 48 ? 11.915  2.004   5.331   1.00 16.06 ? 37  THR A CA  1 
ATOM   258 C C   . THR A 1 48 ? 12.456  0.596   5.018   1.00 16.81 ? 37  THR A C   1 
ATOM   259 O O   . THR A 1 48 ? 13.641  0.447   4.700   1.00 19.68 ? 37  THR A O   1 
ATOM   260 C CB  . THR A 1 48 ? 12.256  2.418   6.783   1.00 15.35 ? 37  THR A CB  1 
ATOM   261 O OG1 . THR A 1 48 ? 11.577  1.561   7.718   1.00 15.07 ? 37  THR A OG1 1 
ATOM   262 C CG2 . THR A 1 48 ? 11.810  3.870   7.023   1.00 11.17 ? 37  THR A CG2 1 
ATOM   263 N N   . ASN A 1 49 ? 11.597  -0.420  5.079   1.00 14.14 ? 38  ASN A N   1 
ATOM   264 C CA  . ASN A 1 49 ? 11.989  -1.795  4.787   1.00 15.56 ? 38  ASN A CA  1 
ATOM   265 C C   . ASN A 1 49 ? 11.814  -2.045  3.292   1.00 18.21 ? 38  ASN A C   1 
ATOM   266 O O   . ASN A 1 49 ? 10.870  -1.550  2.678   1.00 19.78 ? 38  ASN A O   1 
ATOM   267 C CB  . ASN A 1 49 ? 11.126  -2.772  5.598   1.00 16.75 ? 38  ASN A CB  1 
ATOM   268 C CG  . ASN A 1 49 ? 11.623  -4.215  5.507   1.00 17.49 ? 38  ASN A CG  1 
ATOM   269 O OD1 . ASN A 1 49 ? 11.190  -4.999  4.657   1.00 16.33 ? 38  ASN A OD1 1 
ATOM   270 N ND2 . ASN A 1 49 ? 12.544  -4.566  6.388   1.00 19.48 ? 38  ASN A ND2 1 
ATOM   271 N N   . LYS A 1 50 ? 12.696  -2.829  2.681   1.00 22.01 ? 39  LYS A N   1 
ATOM   272 C CA  . LYS A 1 50 ? 12.549  -3.022  1.242   1.00 22.35 ? 39  LYS A CA  1 
ATOM   273 C C   . LYS A 1 50 ? 11.510  -4.041  0.789   1.00 21.09 ? 39  LYS A C   1 
ATOM   274 O O   . LYS A 1 50 ? 11.059  -3.961  -0.352  1.00 20.84 ? 39  LYS A O   1 
ATOM   275 C CB  . LYS A 1 50 ? 13.902  -3.323  0.592   1.00 24.27 ? 39  LYS A CB  1 
ATOM   276 C CG  . LYS A 1 50 ? 14.208  -4.768  0.350   1.00 27.32 ? 39  LYS A CG  1 
ATOM   277 C CD  . LYS A 1 50 ? 15.351  -4.881  -0.655  1.00 30.46 ? 39  LYS A CD  1 
ATOM   278 C CE  . LYS A 1 50 ? 15.829  -6.334  -0.783  1.00 34.27 ? 39  LYS A CE  1 
ATOM   279 N NZ  . LYS A 1 50 ? 16.328  -6.903  0.525   1.00 34.09 ? 39  LYS A NZ  1 
ATOM   280 N N   . ASP A 1 51 ? 11.109  -4.956  1.676   1.00 18.98 ? 40  ASP A N   1 
ATOM   281 C CA  . ASP A 1 51 ? 10.131  -5.989  1.335   1.00 18.79 ? 40  ASP A CA  1 
ATOM   282 C C   . ASP A 1 51 ? 8.703   -5.753  1.838   1.00 17.46 ? 40  ASP A C   1 
ATOM   283 O O   . ASP A 1 51 ? 7.747   -6.072  1.141   1.00 18.90 ? 40  ASP A O   1 
ATOM   284 C CB  . ASP A 1 51 ? 10.599  -7.364  1.840   1.00 21.99 ? 40  ASP A CB  1 
ATOM   285 C CG  . ASP A 1 51 ? 11.902  -7.839  1.175   1.00 24.55 ? 40  ASP A CG  1 
ATOM   286 O OD1 . ASP A 1 51 ? 11.924  -8.083  -0.048  1.00 26.42 ? 40  ASP A OD1 1 
ATOM   287 O OD2 . ASP A 1 51 ? 12.912  -7.970  1.890   1.00 28.33 ? 40  ASP A OD2 1 
ATOM   288 N N   . TRP A 1 52 ? 8.559   -5.213  3.043   1.00 16.04 ? 41  TRP A N   1 
ATOM   289 C CA  . TRP A 1 52 ? 7.253   -4.976  3.635   1.00 13.51 ? 41  TRP A CA  1 
ATOM   290 C C   . TRP A 1 52 ? 6.999   -3.524  3.998   1.00 15.28 ? 41  TRP A C   1 
ATOM   291 O O   . TRP A 1 52 ? 7.770   -2.917  4.748   1.00 15.11 ? 41  TRP A O   1 
ATOM   292 C CB  . TRP A 1 52 ? 7.094   -5.817  4.893   1.00 14.25 ? 41  TRP A CB  1 
ATOM   293 C CG  . TRP A 1 52 ? 7.128   -7.277  4.634   1.00 13.66 ? 41  TRP A CG  1 
ATOM   294 C CD1 . TRP A 1 52 ? 8.237   -8.085  4.585   1.00 13.40 ? 41  TRP A CD1 1 
ATOM   295 C CD2 . TRP A 1 52 ? 6.016   -8.096  4.279   1.00 13.18 ? 41  TRP A CD2 1 
ATOM   296 N NE1 . TRP A 1 52 ? 7.877   -9.356  4.208   1.00 15.16 ? 41  TRP A NE1 1 
ATOM   297 C CE2 . TRP A 1 52 ? 6.521   -9.395  4.014   1.00 13.68 ? 41  TRP A CE2 1 
ATOM   298 C CE3 . TRP A 1 52 ? 4.639   -7.860  4.157   1.00 11.20 ? 41  TRP A CE3 1 
ATOM   299 C CZ2 . TRP A 1 52 ? 5.696   -10.459 3.631   1.00 13.01 ? 41  TRP A CZ2 1 
ATOM   300 C CZ3 . TRP A 1 52 ? 3.814   -8.912  3.778   1.00 14.20 ? 41  TRP A CZ3 1 
ATOM   301 C CH2 . TRP A 1 52 ? 4.348   -10.205 3.517   1.00 15.40 ? 41  TRP A CH2 1 
ATOM   302 N N   . TRP A 1 53 ? 5.911   -2.964  3.470   1.00 15.91 ? 42  TRP A N   1 
ATOM   303 C CA  . TRP A 1 53 ? 5.573   -1.583  3.779   1.00 15.47 ? 42  TRP A CA  1 
ATOM   304 C C   . TRP A 1 53 ? 4.354   -1.527  4.657   1.00 15.39 ? 42  TRP A C   1 
ATOM   305 O O   . TRP A 1 53 ? 3.420   -2.333  4.513   1.00 16.34 ? 42  TRP A O   1 
ATOM   306 C CB  . TRP A 1 53 ? 5.336   -0.773  2.499   1.00 15.40 ? 42  TRP A CB  1 
ATOM   307 C CG  . TRP A 1 53 ? 6.611   -0.470  1.755   1.00 16.79 ? 42  TRP A CG  1 
ATOM   308 C CD1 . TRP A 1 53 ? 7.879   -0.759  2.162   1.00 17.94 ? 42  TRP A CD1 1 
ATOM   309 C CD2 . TRP A 1 53 ? 6.738   0.153   0.472   1.00 15.90 ? 42  TRP A CD2 1 
ATOM   310 N NE1 . TRP A 1 53 ? 8.787   -0.364  1.216   1.00 16.01 ? 42  TRP A NE1 1 
ATOM   311 C CE2 . TRP A 1 53 ? 8.115   0.198   0.165   1.00 15.82 ? 42  TRP A CE2 1 
ATOM   312 C CE3 . TRP A 1 53 ? 5.822   0.674   -0.451  1.00 16.28 ? 42  TRP A CE3 1 
ATOM   313 C CZ2 . TRP A 1 53 ? 8.605   0.740   -1.032  1.00 15.03 ? 42  TRP A CZ2 1 
ATOM   314 C CZ3 . TRP A 1 53 ? 6.311   1.214   -1.651  1.00 18.03 ? 42  TRP A CZ3 1 
ATOM   315 C CH2 . TRP A 1 53 ? 7.690   1.237   -1.927  1.00 15.72 ? 42  TRP A CH2 1 
ATOM   316 N N   . LYS A 1 54 ? 4.351   -0.567  5.574   1.00 16.44 ? 43  LYS A N   1 
ATOM   317 C CA  . LYS A 1 54 ? 3.218   -0.430  6.472   1.00 17.59 ? 43  LYS A CA  1 
ATOM   318 C C   . LYS A 1 54 ? 2.277   0.588   5.874   1.00 18.65 ? 43  LYS A C   1 
ATOM   319 O O   . LYS A 1 54 ? 2.701   1.707   5.540   1.00 18.94 ? 43  LYS A O   1 
ATOM   320 C CB  . LYS A 1 54 ? 3.656   0.009   7.868   1.00 16.70 ? 43  LYS A CB  1 
ATOM   321 C CG  . LYS A 1 54 ? 2.657   -0.455  8.905   1.00 17.50 ? 43  LYS A CG  1 
ATOM   322 C CD  . LYS A 1 54 ? 3.070   -0.133  10.317  1.00 21.78 ? 43  LYS A CD  1 
ATOM   323 C CE  . LYS A 1 54 ? 2.010   -0.666  11.282  1.00 23.93 ? 43  LYS A CE  1 
ATOM   324 N NZ  . LYS A 1 54 ? 2.314   -0.297  12.678  1.00 24.39 ? 43  LYS A NZ  1 
ATOM   325 N N   . VAL A 1 55 ? 1.009   0.191   5.741   1.00 18.81 ? 44  VAL A N   1 
ATOM   326 C CA  . VAL A 1 55 ? -0.027  1.024   5.151   1.00 20.12 ? 44  VAL A CA  1 
ATOM   327 C C   . VAL A 1 55 ? -1.322  1.052   5.966   1.00 25.17 ? 44  VAL A C   1 
ATOM   328 O O   . VAL A 1 55 ? -1.524  0.251   6.892   1.00 25.58 ? 44  VAL A O   1 
ATOM   329 C CB  . VAL A 1 55 ? -0.381  0.533   3.710   1.00 17.42 ? 44  VAL A CB  1 
ATOM   330 C CG1 . VAL A 1 55 ? 0.842   0.604   2.815   1.00 16.16 ? 44  VAL A CG1 1 
ATOM   331 C CG2 . VAL A 1 55 ? -0.920  -0.885  3.755   1.00 16.46 ? 44  VAL A CG2 1 
ATOM   332 N N   . GLU A 1 56 ? -2.203  1.981   5.596   1.00 28.69 ? 45  GLU A N   1 
ATOM   333 C CA  . GLU A 1 56 ? -3.495  2.144   6.249   1.00 32.19 ? 45  GLU A CA  1 
ATOM   334 C C   . GLU A 1 56 ? -4.630  2.012   5.225   1.00 33.73 ? 45  GLU A C   1 
ATOM   335 O O   . GLU A 1 56 ? -4.691  2.765   4.255   1.00 34.85 ? 45  GLU A O   1 
ATOM   336 C CB  . GLU A 1 56 ? -3.553  3.505   6.938   1.00 29.82 ? 45  GLU A CB  1 
ATOM   337 C CG  . GLU A 1 56 ? -4.844  3.792   7.668   1.00 31.69 ? 45  GLU A CG  1 
ATOM   338 C CD  . GLU A 1 56 ? -4.734  5.028   8.556   1.00 34.85 ? 45  GLU A CD  1 
ATOM   339 O OE1 . GLU A 1 56 ? -4.637  6.168   8.035   1.00 35.57 ? 45  GLU A OE1 1 
ATOM   340 O OE2 . GLU A 1 56 ? -4.724  4.850   9.789   1.00 35.59 ? 45  GLU A OE2 1 
ATOM   341 N N   . VAL A 1 57 ? -5.513  1.044   5.453   1.00 36.29 ? 46  VAL A N   1 
ATOM   342 C CA  . VAL A 1 57 ? -6.665  0.775   4.579   1.00 39.18 ? 46  VAL A CA  1 
ATOM   343 C C   . VAL A 1 57 ? -7.923  0.796   5.435   1.00 40.22 ? 46  VAL A C   1 
ATOM   344 O O   . VAL A 1 57 ? -8.029  0.021   6.380   1.00 40.96 ? 46  VAL A O   1 
ATOM   345 C CB  . VAL A 1 57 ? -6.604  -0.639  3.926   1.00 38.58 ? 46  VAL A CB  1 
ATOM   346 C CG1 . VAL A 1 57 ? -7.187  -0.586  2.516   1.00 38.23 ? 46  VAL A CG1 1 
ATOM   347 C CG2 . VAL A 1 57 ? -5.189  -1.168  3.928   1.00 38.79 ? 46  VAL A CG2 1 
ATOM   348 N N   . ASN A 1 58 ? -8.881  1.648   5.085   1.00 43.07 ? 47  ASN A N   1 
ATOM   349 C CA  . ASN A 1 58 ? -10.132 1.777   5.841   1.00 45.93 ? 47  ASN A CA  1 
ATOM   350 C C   . ASN A 1 58 ? -10.056 1.472   7.350   1.00 45.57 ? 47  ASN A C   1 
ATOM   351 O O   . ASN A 1 58 ? -10.619 0.487   7.832   1.00 45.02 ? 47  ASN A O   1 
ATOM   352 C CB  . ASN A 1 58 ? -11.264 0.935   5.198   1.00 49.08 ? 47  ASN A CB  1 
ATOM   353 C CG  . ASN A 1 58 ? -10.976 -0.574  5.186   1.00 52.22 ? 47  ASN A CG  1 
ATOM   354 O OD1 . ASN A 1 58 ? -10.500 -1.122  4.179   1.00 52.40 ? 47  ASN A OD1 1 
ATOM   355 N ND2 . ASN A 1 58 ? -11.278 -1.253  6.306   1.00 52.39 ? 47  ASN A ND2 1 
ATOM   356 N N   . ASP A 1 59 ? -9.354  2.325   8.091   1.00 45.30 ? 48  ASP A N   1 
ATOM   357 C CA  . ASP A 1 59 ? -9.246  2.158   9.538   1.00 47.01 ? 48  ASP A CA  1 
ATOM   358 C C   . ASP A 1 59 ? -8.462  0.943   9.995   1.00 45.73 ? 48  ASP A C   1 
ATOM   359 O O   . ASP A 1 59 ? -8.583  0.511   11.146  1.00 45.25 ? 48  ASP A O   1 
ATOM   360 C CB  . ASP A 1 59 ? -10.635 2.109   10.167  1.00 50.48 ? 48  ASP A CB  1 
ATOM   361 C CG  . ASP A 1 59 ? -11.500 3.283   9.750   1.00 54.12 ? 48  ASP A CG  1 
ATOM   362 O OD1 . ASP A 1 59 ? -11.135 4.446   10.063  1.00 55.41 ? 48  ASP A OD1 1 
ATOM   363 O OD2 . ASP A 1 59 ? -12.542 3.034   9.101   1.00 55.20 ? 48  ASP A OD2 1 
ATOM   364 N N   . ARG A 1 60 ? -7.660  0.393   9.095   1.00 44.48 ? 49  ARG A N   1 
ATOM   365 C CA  . ARG A 1 60 ? -6.832  -0.755  9.418   1.00 43.52 ? 49  ARG A CA  1 
ATOM   366 C C   . ARG A 1 60 ? -5.394  -0.513  8.960   1.00 40.65 ? 49  ARG A C   1 
ATOM   367 O O   . ARG A 1 60 ? -5.157  -0.002  7.868   1.00 39.06 ? 49  ARG A O   1 
ATOM   368 C CB  . ARG A 1 60 ? -7.393  -2.027  8.766   1.00 45.28 ? 49  ARG A CB  1 
ATOM   369 C CG  . ARG A 1 60 ? -8.782  -2.434  9.269   1.00 49.59 ? 49  ARG A CG  1 
ATOM   370 C CD  . ARG A 1 60 ? -9.149  -3.825  8.775   1.00 54.32 ? 49  ARG A CD  1 
ATOM   371 N NE  . ARG A 1 60 ? -8.219  -4.830  9.297   1.00 58.61 ? 49  ARG A NE  1 
ATOM   372 C CZ  . ARG A 1 60 ? -7.900  -5.972  8.684   1.00 59.65 ? 49  ARG A CZ  1 
ATOM   373 N NH1 . ARG A 1 60 ? -8.431  -6.286  7.503   1.00 60.00 ? 49  ARG A NH1 1 
ATOM   374 N NH2 . ARG A 1 60 ? -7.043  -6.807  9.261   1.00 60.07 ? 49  ARG A NH2 1 
ATOM   375 N N   . GLN A 1 61 ? -4.442  -0.865  9.818   1.00 37.90 ? 50  GLN A N   1 
ATOM   376 C CA  . GLN A 1 61 ? -3.027  -0.716  9.514   1.00 35.38 ? 50  GLN A CA  1 
ATOM   377 C C   . GLN A 1 61 ? -2.368  -2.086  9.554   1.00 33.33 ? 50  GLN A C   1 
ATOM   378 O O   . GLN A 1 61 ? -2.814  -2.985  10.278  1.00 33.08 ? 50  GLN A O   1 
ATOM   379 C CB  . GLN A 1 61 ? -2.348  0.174   10.538  1.00 36.23 ? 50  GLN A CB  1 
ATOM   380 C CG  . GLN A 1 61 ? -3.135  1.385   10.890  1.00 38.80 ? 50  GLN A CG  1 
ATOM   381 C CD  . GLN A 1 61 ? -2.305  2.376   11.663  1.00 41.38 ? 50  GLN A CD  1 
ATOM   382 O OE1 . GLN A 1 61 ? -1.415  1.988   12.442  1.00 43.71 ? 50  GLN A OE1 1 
ATOM   383 N NE2 . GLN A 1 61 ? -2.588  3.665   11.468  1.00 37.85 ? 50  GLN A NE2 1 
ATOM   384 N N   . GLY A 1 62 ? -1.297  -2.232  8.784   1.00 29.74 ? 51  GLY A N   1 
ATOM   385 C CA  . GLY A 1 62 ? -0.583  -3.489  8.725   1.00 25.29 ? 51  GLY A CA  1 
ATOM   386 C C   . GLY A 1 62 ? 0.424   -3.447  7.593   1.00 23.59 ? 51  GLY A C   1 
ATOM   387 O O   . GLY A 1 62 ? 0.522   -2.444  6.883   1.00 22.18 ? 51  GLY A O   1 
ATOM   388 N N   . PHE A 1 63 ? 1.168   -4.531  7.409   1.00 20.73 ? 52  PHE A N   1 
ATOM   389 C CA  . PHE A 1 63 ? 2.167   -4.578  6.359   1.00 19.69 ? 52  PHE A CA  1 
ATOM   390 C C   . PHE A 1 63 ? 1.648   -5.276  5.109   1.00 18.69 ? 52  PHE A C   1 
ATOM   391 O O   . PHE A 1 63 ? 0.751   -6.111  5.176   1.00 18.34 ? 52  PHE A O   1 
ATOM   392 C CB  . PHE A 1 63 ? 3.423   -5.312  6.854   1.00 20.06 ? 52  PHE A CB  1 
ATOM   393 C CG  . PHE A 1 63 ? 4.148   -4.596  7.950   1.00 17.81 ? 52  PHE A CG  1 
ATOM   394 C CD1 . PHE A 1 63 ? 3.757   -4.738  9.272   1.00 18.47 ? 52  PHE A CD1 1 
ATOM   395 C CD2 . PHE A 1 63 ? 5.182   -3.734  7.650   1.00 16.09 ? 52  PHE A CD2 1 
ATOM   396 C CE1 . PHE A 1 63 ? 4.386   -4.026  10.282  1.00 19.23 ? 52  PHE A CE1 1 
ATOM   397 C CE2 . PHE A 1 63 ? 5.818   -3.017  8.646   1.00 18.15 ? 52  PHE A CE2 1 
ATOM   398 C CZ  . PHE A 1 63 ? 5.419   -3.160  9.969   1.00 18.21 ? 52  PHE A CZ  1 
ATOM   399 N N   . VAL A 1 64 ? 2.201   -4.899  3.965   1.00 16.73 ? 53  VAL A N   1 
ATOM   400 C CA  . VAL A 1 64 ? 1.841   -5.519  2.697   1.00 15.53 ? 53  VAL A CA  1 
ATOM   401 C C   . VAL A 1 64 ? 3.165   -5.589  1.980   1.00 15.68 ? 53  VAL A C   1 
ATOM   402 O O   . VAL A 1 64 ? 4.096   -4.858  2.334   1.00 15.73 ? 53  VAL A O   1 
ATOM   403 C CB  . VAL A 1 64 ? 0.835   -4.672  1.860   1.00 14.15 ? 53  VAL A CB  1 
ATOM   404 C CG1 . VAL A 1 64 ? -0.478  -4.547  2.610   1.00 11.10 ? 53  VAL A CG1 1 
ATOM   405 C CG2 . VAL A 1 64 ? 1.431   -3.299  1.524   1.00 10.55 ? 53  VAL A CG2 1 
ATOM   406 N N   . PRO A 1 65 ? 3.293   -6.492  0.996   1.00 16.72 ? 54  PRO A N   1 
ATOM   407 C CA  . PRO A 1 65 ? 4.564   -6.596  0.266   1.00 17.20 ? 54  PRO A CA  1 
ATOM   408 C C   . PRO A 1 65 ? 4.806   -5.308  -0.501  1.00 16.78 ? 54  PRO A C   1 
ATOM   409 O O   . PRO A 1 65 ? 3.879   -4.778  -1.112  1.00 18.43 ? 54  PRO A O   1 
ATOM   410 C CB  . PRO A 1 65 ? 4.327   -7.763  -0.693  1.00 16.62 ? 54  PRO A CB  1 
ATOM   411 C CG  . PRO A 1 65 ? 3.250   -8.585  0.015   1.00 16.20 ? 54  PRO A CG  1 
ATOM   412 C CD  . PRO A 1 65 ? 2.334   -7.519  0.547   1.00 15.31 ? 54  PRO A CD  1 
ATOM   413 N N   . ALA A 1 66 ? 6.036   -4.812  -0.475  1.00 15.43 ? 55  ALA A N   1 
ATOM   414 C CA  . ALA A 1 66 ? 6.372   -3.602  -1.212  1.00 16.93 ? 55  ALA A CA  1 
ATOM   415 C C   . ALA A 1 66 ? 6.171   -3.841  -2.683  1.00 17.08 ? 55  ALA A C   1 
ATOM   416 O O   . ALA A 1 66 ? 5.903   -2.904  -3.434  1.00 18.27 ? 55  ALA A O   1 
ATOM   417 C CB  . ALA A 1 66 ? 7.812   -3.213  -0.968  1.00 16.26 ? 55  ALA A CB  1 
ATOM   418 N N   . ALA A 1 67 ? 6.296   -5.105  -3.091  1.00 18.50 ? 56  ALA A N   1 
ATOM   419 C CA  . ALA A 1 67 ? 6.160   -5.486  -4.505  1.00 18.53 ? 56  ALA A CA  1 
ATOM   420 C C   . ALA A 1 67 ? 4.776   -5.258  -5.085  1.00 18.42 ? 56  ALA A C   1 
ATOM   421 O O   . ALA A 1 67 ? 4.627   -5.055  -6.304  1.00 18.57 ? 56  ALA A O   1 
ATOM   422 C CB  . ALA A 1 67 ? 6.552   -6.958  -4.696  1.00 15.87 ? 56  ALA A CB  1 
ATOM   423 N N   . TYR A 1 68 ? 3.774   -5.284  -4.207  1.00 16.88 ? 57  TYR A N   1 
ATOM   424 C CA  . TYR A 1 68 ? 2.373   -5.128  -4.589  1.00 16.33 ? 57  TYR A CA  1 
ATOM   425 C C   . TYR A 1 68 ? 1.835   -3.714  -4.690  1.00 14.90 ? 57  TYR A C   1 
ATOM   426 O O   . TYR A 1 68 ? 0.691   -3.539  -5.064  1.00 14.78 ? 57  TYR A O   1 
ATOM   427 C CB  . TYR A 1 68 ? 1.474   -5.912  -3.618  1.00 18.75 ? 57  TYR A CB  1 
ATOM   428 C CG  . TYR A 1 68 ? 1.474   -7.413  -3.817  1.00 19.14 ? 57  TYR A CG  1 
ATOM   429 C CD1 . TYR A 1 68 ? 2.661   -8.118  -4.049  1.00 19.80 ? 57  TYR A CD1 1 
ATOM   430 C CD2 . TYR A 1 68 ? 0.280   -8.132  -3.762  1.00 21.24 ? 57  TYR A CD2 1 
ATOM   431 C CE1 . TYR A 1 68 ? 2.656   -9.500  -4.225  1.00 20.78 ? 57  TYR A CE1 1 
ATOM   432 C CE2 . TYR A 1 68 ? 0.263   -9.505  -3.937  1.00 21.67 ? 57  TYR A CE2 1 
ATOM   433 C CZ  . TYR A 1 68 ? 1.447   -10.182 -4.170  1.00 23.10 ? 57  TYR A CZ  1 
ATOM   434 O OH  . TYR A 1 68 ? 1.398   -11.545 -4.388  1.00 29.40 ? 57  TYR A OH  1 
ATOM   435 N N   . VAL A 1 69 ? 2.638   -2.708  -4.351  1.00 14.87 ? 58  VAL A N   1 
ATOM   436 C CA  . VAL A 1 69 ? 2.179   -1.327  -4.436  1.00 13.60 ? 58  VAL A CA  1 
ATOM   437 C C   . VAL A 1 69 ? 3.215   -0.396  -5.066  1.00 14.67 ? 58  VAL A C   1 
ATOM   438 O O   . VAL A 1 69 ? 4.398   -0.714  -5.106  1.00 14.26 ? 58  VAL A O   1 
ATOM   439 C CB  . VAL A 1 69 ? 1.811   -0.761  -3.034  1.00 14.03 ? 58  VAL A CB  1 
ATOM   440 C CG1 . VAL A 1 69 ? 0.727   -1.588  -2.411  1.00 11.16 ? 58  VAL A CG1 1 
ATOM   441 C CG2 . VAL A 1 69 ? 3.036   -0.708  -2.144  1.00 10.81 ? 58  VAL A CG2 1 
ATOM   442 N N   . LYS A 1 70 ? 2.752   0.748   -5.565  1.00 14.82 ? 59  LYS A N   1 
ATOM   443 C CA  . LYS A 1 70 ? 3.630   1.754   -6.164  1.00 16.46 ? 59  LYS A CA  1 
ATOM   444 C C   . LYS A 1 70 ? 3.363   3.080   -5.453  1.00 15.64 ? 59  LYS A C   1 
ATOM   445 O O   . LYS A 1 70 ? 2.206   3.448   -5.258  1.00 13.25 ? 59  LYS A O   1 
ATOM   446 C CB  . LYS A 1 70 ? 3.333   1.934   -7.660  1.00 17.13 ? 59  LYS A CB  1 
ATOM   447 C CG  . LYS A 1 70 ? 4.578   2.274   -8.507  1.00 18.00 ? 59  LYS A CG  1 
ATOM   448 C CD  . LYS A 1 70 ? 5.070   3.662   -8.295  1.00 19.27 ? 59  LYS A CD  1 
ATOM   449 C CE  . LYS A 1 70 ? 6.169   4.041   -9.296  1.00 19.16 ? 59  LYS A CE  1 
ATOM   450 N NZ  . LYS A 1 70 ? 7.441   3.271   -9.146  1.00 17.78 ? 59  LYS A NZ  1 
ATOM   451 N N   . LYS A 1 71 ? 4.421   3.793   -5.058  1.00 17.52 ? 60  LYS A N   1 
ATOM   452 C CA  . LYS A 1 71 ? 4.219   5.079   -4.397  1.00 18.06 ? 60  LYS A CA  1 
ATOM   453 C C   . LYS A 1 71 ? 3.762   6.024   -5.485  1.00 18.35 ? 60  LYS A C   1 
ATOM   454 O O   . LYS A 1 71 ? 4.215   5.941   -6.637  1.00 17.29 ? 60  LYS A O   1 
ATOM   455 C CB  . LYS A 1 71 ? 5.504   5.648   -3.759  1.00 17.52 ? 60  LYS A CB  1 
ATOM   456 C CG  A LYS A 1 71 ? 5.181   6.386   -2.431  0.50 20.76 ? 60  LYS A CG  1 
ATOM   457 C CG  B LYS A 1 71 ? 6.360   4.635   -3.016  0.50 14.67 ? 60  LYS A CG  1 
ATOM   458 C CD  A LYS A 1 71 ? 6.063   7.603   -2.102  0.50 22.02 ? 60  LYS A CD  1 
ATOM   459 C CD  B LYS A 1 71 ? 7.705   5.243   -2.643  0.50 13.14 ? 60  LYS A CD  1 
ATOM   460 C CE  A LYS A 1 71 ? 5.811   8.780   -3.038  0.50 24.34 ? 60  LYS A CE  1 
ATOM   461 C CE  B LYS A 1 71 ? 8.352   4.515   -1.493  0.50 12.37 ? 60  LYS A CE  1 
ATOM   462 N NZ  A LYS A 1 71 ? 6.840   9.857   -2.871  0.50 24.72 ? 60  LYS A NZ  1 
ATOM   463 N NZ  B LYS A 1 71 ? 9.321   5.393   -0.819  0.50 10.64 ? 60  LYS A NZ  1 
ATOM   464 N N   . LEU A 1 72 ? 2.841   6.905   -5.125  1.00 19.03 ? 61  LEU A N   1 
ATOM   465 C CA  . LEU A 1 72 ? 2.329   7.893   -6.060  1.00 18.17 ? 61  LEU A CA  1 
ATOM   466 C C   . LEU A 1 72 ? 3.003   9.198   -5.652  1.00 19.68 ? 61  LEU A C   1 
ATOM   467 O O   . LEU A 1 72 ? 2.536   9.920   -4.757  1.00 20.01 ? 61  LEU A O   1 
ATOM   468 C CB  . LEU A 1 72 ? 0.803   7.984   -5.947  1.00 16.16 ? 61  LEU A CB  1 
ATOM   469 C CG  . LEU A 1 72 ? 0.072   6.662   -6.281  1.00 18.09 ? 61  LEU A CG  1 
ATOM   470 C CD1 . LEU A 1 72 ? -1.411  6.790   -5.967  1.00 14.90 ? 61  LEU A CD1 1 
ATOM   471 C CD2 . LEU A 1 72 ? 0.264   6.294   -7.768  1.00 15.50 ? 61  LEU A CD2 1 
ATOM   472 N N   . ALA A 1 73 ? 4.133   9.476   -6.284  1.00 19.99 ? 62  ALA A N   1 
ATOM   473 C CA  . ALA A 1 73 ? 4.903   10.688  -5.986  1.00 22.22 ? 62  ALA A CA  1 
ATOM   474 C C   . ALA A 1 73 ? 4.073   11.975  -6.129  1.00 22.48 ? 62  ALA A C   1 
ATOM   475 O O   . ALA A 1 73 ? 3.311   12.141  -7.093  1.00 23.30 ? 62  ALA A O   1 
ATOM   476 C CB  . ALA A 1 73 ? 6.148   10.758  -6.891  1.00 19.49 ? 62  ALA A CB  1 
ATOM   477 N N   . ALA A 1 74 ? 4.223   12.877  -5.165  1.00 23.20 ? 63  ALA A N   1 
ATOM   478 C CA  . ALA A 1 74 ? 3.501   14.148  -5.188  1.00 24.81 ? 63  ALA A CA  1 
ATOM   479 C C   . ALA A 1 74 ? 3.900   14.947  -6.419  1.00 26.34 ? 63  ALA A C   1 
ATOM   480 O O   . ALA A 1 74 ? 3.086   15.683  -6.989  1.00 29.18 ? 63  ALA A O   1 
ATOM   481 C CB  . ALA A 1 74 ? 3.814   14.955  -3.927  1.00 22.52 ? 63  ALA A CB  1 
ATOM   482 N N   . ALA A 1 75 ? 5.154   14.792  -6.830  1.00 27.29 ? 64  ALA A N   1 
ATOM   483 C CA  . ALA A 1 75 ? 5.692   15.512  -7.976  1.00 28.20 ? 64  ALA A CA  1 
ATOM   484 C C   . ALA A 1 75 ? 5.132   15.074  -9.325  1.00 28.66 ? 64  ALA A C   1 
ATOM   485 O O   . ALA A 1 75 ? 5.407   15.712  -10.340 1.00 28.92 ? 64  ALA A O   1 
ATOM   486 C CB  . ALA A 1 75 ? 7.219   15.385  -7.987  1.00 29.08 ? 64  ALA A CB  1 
ATOM   487 N N   . TRP A 1 76 ? 4.358   13.991  -9.350  1.00 28.49 ? 65  TRP A N   1 
ATOM   488 C CA  . TRP A 1 76 ? 3.811   13.505  -10.614 1.00 28.07 ? 65  TRP A CA  1 
ATOM   489 C C   . TRP A 1 76 ? 2.287   13.398  -10.693 1.00 27.32 ? 65  TRP A C   1 
ATOM   490 O O   . TRP A 1 76 ? 1.616   13.147  -9.697  1.00 25.64 ? 65  TRP A O   1 
ATOM   491 C CB  . TRP A 1 76 ? 4.432   12.136  -10.966 1.00 28.09 ? 65  TRP A CB  1 
ATOM   492 C CG  . TRP A 1 76 ? 5.833   12.246  -11.501 1.00 29.34 ? 65  TRP A CG  1 
ATOM   493 C CD1 . TRP A 1 76 ? 6.989   12.371  -10.777 1.00 29.09 ? 65  TRP A CD1 1 
ATOM   494 C CD2 . TRP A 1 76 ? 6.211   12.358  -12.877 1.00 28.80 ? 65  TRP A CD2 1 
ATOM   495 N NE1 . TRP A 1 76 ? 8.058   12.561  -11.616 1.00 28.80 ? 65  TRP A NE1 1 
ATOM   496 C CE2 . TRP A 1 76 ? 7.610   12.559  -12.911 1.00 28.58 ? 65  TRP A CE2 1 
ATOM   497 C CE3 . TRP A 1 76 ? 5.501   12.313  -14.085 1.00 26.77 ? 65  TRP A CE3 1 
ATOM   498 C CZ2 . TRP A 1 76 ? 8.317   12.717  -14.106 1.00 28.56 ? 65  TRP A CZ2 1 
ATOM   499 C CZ3 . TRP A 1 76 ? 6.201   12.468  -15.273 1.00 27.60 ? 65  TRP A CZ3 1 
ATOM   500 C CH2 . TRP A 1 76 ? 7.597   12.669  -15.275 1.00 28.36 ? 65  TRP A CH2 1 
ATOM   501 N N   . SER A 1 77 ? 1.759   13.596  -11.895 1.00 27.90 ? 66  SER A N   1 
ATOM   502 C CA  . SER A 1 77 ? 0.326   13.473  -12.137 1.00 29.55 ? 66  SER A CA  1 
ATOM   503 C C   . SER A 1 77 ? 0.139   12.026  -12.574 1.00 30.70 ? 66  SER A C   1 
ATOM   504 O O   . SER A 1 77 ? 0.712   11.595  -13.577 1.00 31.45 ? 66  SER A O   1 
ATOM   505 C CB  . SER A 1 77 ? -0.114  14.408  -13.253 1.00 30.31 ? 66  SER A CB  1 
ATOM   506 O OG  . SER A 1 77 ? -1.438  14.105  -13.639 1.00 30.77 ? 66  SER A OG  1 
ATOM   507 N N   . HIS A 1 78 ? -0.677  11.282  -11.843 1.00 30.55 ? 67  HIS A N   1 
ATOM   508 C CA  . HIS A 1 78 ? -0.850  9.872   -12.134 1.00 31.21 ? 67  HIS A CA  1 
ATOM   509 C C   . HIS A 1 78 ? -2.056  9.483   -13.001 1.00 32.83 ? 67  HIS A C   1 
ATOM   510 O O   . HIS A 1 78 ? -3.195  9.840   -12.691 1.00 34.74 ? 67  HIS A O   1 
ATOM   511 C CB  . HIS A 1 78 ? -0.852  9.122   -10.793 1.00 30.74 ? 67  HIS A CB  1 
ATOM   512 C CG  . HIS A 1 78 ? 0.351   9.420   -9.937  1.00 30.91 ? 67  HIS A CG  1 
ATOM   513 N ND1 . HIS A 1 78 ? 1.533   8.714   -10.035 1.00 28.84 ? 67  HIS A ND1 1 
ATOM   514 C CD2 . HIS A 1 78 ? 0.569   10.385  -9.010  1.00 30.99 ? 67  HIS A CD2 1 
ATOM   515 C CE1 . HIS A 1 78 ? 2.427   9.231   -9.210  1.00 28.44 ? 67  HIS A CE1 1 
ATOM   516 N NE2 . HIS A 1 78 ? 1.868   10.246  -8.576  1.00 31.45 ? 67  HIS A NE2 1 
ATOM   517 N N   . PRO A 1 79 ? -1.816  8.747   -14.107 1.00 32.29 ? 68  PRO A N   1 
ATOM   518 C CA  . PRO A 1 79 ? -2.908  8.329   -14.994 1.00 32.81 ? 68  PRO A CA  1 
ATOM   519 C C   . PRO A 1 79 ? -3.886  7.414   -14.265 1.00 34.17 ? 68  PRO A C   1 
ATOM   520 O O   . PRO A 1 79 ? -3.596  6.909   -13.172 1.00 32.12 ? 68  PRO A O   1 
ATOM   521 C CB  . PRO A 1 79 ? -2.186  7.587   -16.126 1.00 31.46 ? 68  PRO A CB  1 
ATOM   522 C CG  . PRO A 1 79 ? -0.805  8.210   -16.129 1.00 32.47 ? 68  PRO A CG  1 
ATOM   523 C CD  . PRO A 1 79 ? -0.514  8.309   -14.645 1.00 32.24 ? 68  PRO A CD  1 
ATOM   524 N N   . GLN A 1 80 ? -5.055  7.203   -14.860 1.00 35.72 ? 69  GLN A N   1 
ATOM   525 C CA  . GLN A 1 80 ? -6.024  6.330   -14.232 1.00 37.64 ? 69  GLN A CA  1 
ATOM   526 C C   . GLN A 1 80 ? -5.490  4.907   -14.399 1.00 38.83 ? 69  GLN A C   1 
ATOM   527 O O   . GLN A 1 80 ? -5.053  4.509   -15.482 1.00 38.33 ? 69  GLN A O   1 
ATOM   528 C CB  . GLN A 1 80 ? -7.402  6.497   -14.877 1.00 37.66 ? 69  GLN A CB  1 
ATOM   529 C CG  . GLN A 1 80 ? -8.581  6.329   -13.899 1.00 38.39 ? 69  GLN A CG  1 
ATOM   530 C CD  A GLN A 1 80 ? -8.190  6.431   -12.422 0.50 37.09 ? 69  GLN A CD  1 
ATOM   531 C CD  B GLN A 1 80 ? -9.927  6.232   -14.600 0.50 39.31 ? 69  GLN A CD  1 
ATOM   532 O OE1 A GLN A 1 80 ? -7.447  7.330   -12.023 0.50 36.95 ? 69  GLN A OE1 1 
ATOM   533 O OE1 B GLN A 1 80 ? -10.263 7.058   -15.461 0.50 37.48 ? 69  GLN A OE1 1 
ATOM   534 N NE2 A GLN A 1 80 ? -8.709  5.516   -11.607 0.50 35.36 ? 69  GLN A NE2 1 
ATOM   535 N NE2 B GLN A 1 80 ? -10.712 5.219   -14.226 0.50 39.65 ? 69  GLN A NE2 1 
ATOM   536 N N   . PHE A 1 81 ? -5.492  4.161   -13.303 1.00 40.25 ? 70  PHE A N   1 
ATOM   537 C CA  . PHE A 1 81 ? -4.994  2.797   -13.299 1.00 41.72 ? 70  PHE A CA  1 
ATOM   538 C C   . PHE A 1 81 ? -6.042  1.820   -13.860 1.00 43.16 ? 70  PHE A C   1 
ATOM   539 O O   . PHE A 1 81 ? -7.252  2.112   -13.722 1.00 44.92 ? 70  PHE A O   1 
ATOM   540 C CB  . PHE A 1 81 ? -4.604  2.441   -11.862 1.00 40.87 ? 70  PHE A CB  1 
ATOM   541 C CG  . PHE A 1 81 ? -4.024  1.066   -11.703 1.00 41.09 ? 70  PHE A CG  1 
ATOM   542 C CD1 . PHE A 1 81 ? -2.932  0.662   -12.467 1.00 39.93 ? 70  PHE A CD1 1 
ATOM   543 C CD2 . PHE A 1 81 ? -4.560  0.179   -10.767 1.00 40.94 ? 70  PHE A CD2 1 
ATOM   544 C CE1 . PHE A 1 81 ? -2.385  -0.603  -12.300 1.00 41.63 ? 70  PHE A CE1 1 
ATOM   545 C CE2 . PHE A 1 81 ? -4.019  -1.093  -10.590 1.00 39.87 ? 70  PHE A CE2 1 
ATOM   546 C CZ  . PHE A 1 81 ? -2.933  -1.487  -11.354 1.00 41.24 ? 70  PHE A CZ  1 
HETATM 547 N N1  . AZI B 2 .  ? 9.462   0.632   -7.752  0.50 7.56  ? 201 AZI A N1  1 
HETATM 548 N N2  . AZI B 2 .  ? 8.567   1.455   -6.693  0.50 7.29  ? 201 AZI A N2  1 
HETATM 549 N N3  . AZI B 2 .  ? 7.649   2.328   -5.593  0.50 7.56  ? 201 AZI A N3  1 
HETATM 550 O O   . HOH C 3 .  ? 8.685   -0.505  5.922   1.00 12.71 ? 102 HOH A O   1 
HETATM 551 O O   . HOH C 3 .  ? 8.796   5.540   5.778   1.00 15.29 ? 103 HOH A O   1 
HETATM 552 O O   . HOH C 3 .  ? 3.136   9.633   -1.907  1.00 21.88 ? 104 HOH A O   1 
HETATM 553 O O   . HOH C 3 .  ? 7.826   -6.992  -1.516  1.00 16.32 ? 105 HOH A O   1 
HETATM 554 O O   . HOH C 3 .  ? 5.011   7.859   -8.187  1.00 31.45 ? 106 HOH A O   1 
HETATM 555 O O   . HOH C 3 .  ? -5.475  7.206   5.637   1.00 18.68 ? 107 HOH A O   1 
HETATM 556 O O   . HOH C 3 .  ? 5.207   12.441  -2.464  1.00 26.90 ? 108 HOH A O   1 
HETATM 557 O O   . HOH C 3 .  ? 1.870   5.897   -10.753 1.00 17.65 ? 109 HOH A O   1 
HETATM 558 O O   . HOH C 3 .  ? 3.117   -8.409  -12.353 1.00 27.14 ? 110 HOH A O   1 
HETATM 559 O O   . HOH C 3 .  ? 15.120  -4.044  4.582   1.00 20.42 ? 111 HOH A O   1 
HETATM 560 O O   . HOH C 3 .  ? -5.052  -8.853  -8.232  1.00 25.06 ? 112 HOH A O   1 
HETATM 561 O O   . HOH C 3 .  ? 7.166   13.284  -4.226  1.00 28.40 ? 113 HOH A O   1 
HETATM 562 O O   . HOH C 3 .  ? 3.345   -13.696 5.014   1.00 28.36 ? 114 HOH A O   1 
HETATM 563 O O   . HOH C 3 .  ? -2.526  12.168  -9.955  0.50 1.90  ? 115 HOH A O   1 
HETATM 564 O O   . HOH C 3 .  ? 3.348   14.758  -14.359 1.00 39.21 ? 116 HOH A O   1 
HETATM 565 O O   . HOH C 3 .  ? -3.014  -12.620 -1.525  1.00 26.48 ? 117 HOH A O   1 
HETATM 566 O O   . HOH C 3 .  ? 11.166  3.663   0.065   1.00 32.11 ? 118 HOH A O   1 
HETATM 567 O O   . HOH C 3 .  ? 10.427  -5.612  -2.923  1.00 37.51 ? 119 HOH A O   1 
HETATM 568 O O   . HOH C 3 .  ? -4.705  -13.194 9.742   1.00 47.91 ? 120 HOH A O   1 
HETATM 569 O O   . HOH C 3 .  ? 4.291   -9.630  7.141   1.00 27.44 ? 121 HOH A O   1 
HETATM 570 O O   . HOH C 3 .  ? -5.507  9.686   -16.722 1.00 42.56 ? 122 HOH A O   1 
HETATM 571 O O   . HOH C 3 .  ? -10.424 -3.850  -7.692  1.00 35.23 ? 123 HOH A O   1 
HETATM 572 O O   . HOH C 3 .  ? -6.858  -3.905  12.179  1.00 65.13 ? 124 HOH A O   1 
HETATM 573 O O   . HOH C 3 .  ? -8.287  -8.514  -1.667  1.00 24.94 ? 125 HOH A O   1 
HETATM 574 O O   . HOH C 3 .  ? -10.160 -0.518  -5.358  1.00 32.41 ? 126 HOH A O   1 
HETATM 575 O O   . HOH C 3 .  ? 11.278  6.257   4.697   1.00 43.05 ? 127 HOH A O   1 
HETATM 576 O O   . HOH C 3 .  ? 2.086   9.368   5.342   1.00 34.88 ? 128 HOH A O   1 
HETATM 577 O O   . HOH C 3 .  ? -9.672  0.846   -13.901 1.00 39.97 ? 129 HOH A O   1 
HETATM 578 O O   . HOH C 3 .  ? 5.341   16.325  -13.942 1.00 48.22 ? 130 HOH A O   1 
HETATM 579 O O   . HOH C 3 .  ? -9.934  -3.378  0.220   1.00 32.28 ? 131 HOH A O   1 
HETATM 580 O O   . HOH C 3 .  ? -6.769  3.144   -8.812  1.00 50.39 ? 132 HOH A O   1 
HETATM 581 O O   . HOH C 3 .  ? -13.464 -3.835  4.549   1.00 51.64 ? 133 HOH A O   1 
HETATM 582 O O   . HOH C 3 .  ? -11.266 -7.090  8.682   1.00 51.41 ? 136 HOH A O   1 
HETATM 583 O O   . HOH C 3 .  ? -9.822  -8.552  5.778   1.00 42.72 ? 137 HOH A O   1 
HETATM 584 O O   . HOH C 3 .  ? 8.453   6.884   7.823   1.00 38.02 ? 138 HOH A O   1 
HETATM 585 O O   . HOH C 3 .  ? -10.343 -5.063  12.568  1.00 50.62 ? 139 HOH A O   1 
HETATM 586 O O   . HOH C 3 .  ? 4.465   -14.779 9.095   1.00 51.59 ? 140 HOH A O   1 
HETATM 587 O O   . HOH C 3 .  ? 5.594   7.852   5.515   1.00 48.38 ? 141 HOH A O   1 
HETATM 588 O O   . HOH C 3 .  ? 14.466  -10.109 -0.055  1.00 53.78 ? 142 HOH A O   1 
HETATM 589 O O   . HOH C 3 .  ? -2.029  -13.874 0.774   1.00 40.09 ? 143 HOH A O   1 
HETATM 590 O O   . HOH C 3 .  ? -2.487  8.828   8.459   1.00 38.59 ? 144 HOH A O   1 
HETATM 591 O O   . HOH C 3 .  ? 2.997   -12.307 8.663   1.00 33.18 ? 145 HOH A O   1 
HETATM 592 O O   . HOH C 3 .  ? 0.489   15.429  1.375   1.00 36.71 ? 146 HOH A O   1 
HETATM 593 O O   . HOH C 3 .  ? -3.825  -7.437  -11.062 1.00 38.22 ? 147 HOH A O   1 
HETATM 594 O O   . HOH C 3 .  ? 7.485   6.274   3.381   1.00 32.90 ? 148 HOH A O   1 
HETATM 595 O O   . HOH C 3 .  ? -0.701  -2.553  12.119  0.50 19.03 ? 149 HOH A O   1 
# 
loop_
_pdbx_poly_seq_scheme.asym_id 
_pdbx_poly_seq_scheme.entity_id 
_pdbx_poly_seq_scheme.seq_id 
_pdbx_poly_seq_scheme.mon_id 
_pdbx_poly_seq_scheme.ndb_seq_num 
_pdbx_poly_seq_scheme.pdb_seq_num 
_pdbx_poly_seq_scheme.auth_seq_num 
_pdbx_poly_seq_scheme.pdb_mon_id 
_pdbx_poly_seq_scheme.auth_mon_id 
_pdbx_poly_seq_scheme.pdb_strand_id 
_pdbx_poly_seq_scheme.pdb_ins_code 
_pdbx_poly_seq_scheme.hetero 
A 1 1  MET 1  -10 ?  ?   ?   A . n 
A 1 2  ARG 2  -9  ?  ?   ?   A . n 
A 1 3  GLY 3  -8  ?  ?   ?   A . n 
A 1 4  SER 4  -7  ?  ?   ?   A . n 
A 1 5  HIS 5  -6  ?  ?   ?   A . n 
A 1 6  HIS 6  -5  ?  ?   ?   A . n 
A 1 7  HIS 7  -4  ?  ?   ?   A . n 
A 1 8  HIS 8  -3  ?  ?   ?   A . n 
A 1 9  HIS 9  -2  ?  ?   ?   A . n 
A 1 10 HIS 10 -1  ?  ?   ?   A . n 
A 1 11 GLY 11 0   ?  ?   ?   A . n 
A 1 12 SER 12 1   ?  ?   ?   A . n 
A 1 13 ASP 13 2   ?  ?   ?   A . n 
A 1 14 GLU 14 3   ?  ?   ?   A . n 
A 1 15 THR 15 4   ?  ?   ?   A . n 
A 1 16 GLY 16 5   ?  ?   ?   A . n 
A 1 17 LYS 17 6   6  LYS LYS A . n 
A 1 18 GLU 18 7   7  GLU GLU A . n 
A 1 19 LEU 19 8   8  LEU LEU A . n 
A 1 20 VAL 20 9   9  VAL VAL A . n 
A 1 21 LEU 21 10  10 LEU LEU A . n 
A 1 22 ALA 22 11  11 ALA ALA A . n 
A 1 23 LEU 23 12  12 LEU LEU A . n 
A 1 24 TYR 24 13  13 TYR TYR A . n 
A 1 25 ASP 25 14  14 ASP ASP A . n 
A 1 26 TYR 26 15  15 TYR TYR A . n 
A 1 27 GLN 27 16  16 GLN GLN A . n 
A 1 28 GLU 28 17  17 GLU GLU A . n 
A 1 29 LYS 29 18  18 LYS LYS A . n 
A 1 30 SER 30 19  19 SER SER A . n 
A 1 31 PRO 31 20  20 PRO PRO A . n 
A 1 32 ARG 32 21  21 ARG ARG A . n 
A 1 33 GLU 33 22  22 GLU GLU A . n 
A 1 34 VAL 34 23  23 VAL VAL A . n 
A 1 35 THR 35 24  24 THR THR A . n 
A 1 36 MET 36 25  25 MET MET A . n 
A 1 37 LYS 37 26  26 LYS LYS A . n 
A 1 38 LYS 38 27  27 LYS LYS A . n 
A 1 39 GLY 39 28  28 GLY GLY A . n 
A 1 40 ASP 40 29  29 ASP ASP A . n 
A 1 41 ILE 41 30  30 ILE ILE A . n 
A 1 42 LEU 42 31  31 LEU LEU A . n 
A 1 43 THR 43 32  32 THR THR A . n 
A 1 44 LEU 44 33  33 LEU LEU A . n 
A 1 45 LEU 45 34  34 LEU LEU A . n 
A 1 46 ASN 46 35  35 ASN ASN A . n 
A 1 47 SER 47 36  36 SER SER A . n 
A 1 48 THR 48 37  37 THR THR A . n 
A 1 49 ASN 49 38  38 ASN ASN A . n 
A 1 50 LYS 50 39  39 LYS LYS A . n 
A 1 51 ASP 51 40  40 ASP ASP A . n 
A 1 52 TRP 52 41  41 TRP TRP A . n 
A 1 53 TRP 53 42  42 TRP TRP A . n 
A 1 54 LYS 54 43  43 LYS LYS A . n 
A 1 55 VAL 55 44  44 VAL VAL A . n 
A 1 56 GLU 56 45  45 GLU GLU A . n 
A 1 57 VAL 57 46  46 VAL VAL A . n 
A 1 58 ASN 58 47  47 ASN ASN A . n 
A 1 59 ASP 59 48  48 ASP ASP A . n 
A 1 60 ARG 60 49  49 ARG ARG A . n 
A 1 61 GLN 61 50  50 GLN GLN A . n 
A 1 62 GLY 62 51  51 GLY GLY A . n 
A 1 63 PHE 63 52  52 PHE PHE A . n 
A 1 64 VAL 64 53  53 VAL VAL A . n 
A 1 65 PRO 65 54  54 PRO PRO A . n 
A 1 66 ALA 66 55  55 ALA ALA A . n 
A 1 67 ALA 67 56  56 ALA ALA A . n 
A 1 68 TYR 68 57  57 TYR TYR A . n 
A 1 69 VAL 69 58  58 VAL VAL A . n 
A 1 70 LYS 70 59  59 LYS LYS A . n 
A 1 71 LYS 71 60  60 LYS LYS A . n 
A 1 72 LEU 72 61  61 LEU LEU A . n 
A 1 73 ALA 73 62  62 ALA ALA A . n 
A 1 74 ALA 74 63  63 ALA ALA A . n 
A 1 75 ALA 75 64  64 ALA ALA A . n 
A 1 76 TRP 76 65  65 TRP TRP A . n 
A 1 77 SER 77 66  66 SER SER A . n 
A 1 78 HIS 78 67  67 HIS HIS A . n 
A 1 79 PRO 79 68  68 PRO PRO A . n 
A 1 80 GLN 80 69  69 GLN GLN A . n 
A 1 81 PHE 81 70  70 PHE PHE A . n 
A 1 82 GLU 82 71  ?  ?   ?   A . n 
A 1 83 LYS 83 72  ?  ?   ?   A . n 
# 
loop_
_pdbx_nonpoly_scheme.asym_id 
_pdbx_nonpoly_scheme.entity_id 
_pdbx_nonpoly_scheme.mon_id 
_pdbx_nonpoly_scheme.ndb_seq_num 
_pdbx_nonpoly_scheme.pdb_seq_num 
_pdbx_nonpoly_scheme.auth_seq_num 
_pdbx_nonpoly_scheme.pdb_mon_id 
_pdbx_nonpoly_scheme.auth_mon_id 
_pdbx_nonpoly_scheme.pdb_strand_id 
_pdbx_nonpoly_scheme.pdb_ins_code 
B 2 AZI 1  201 201 AZI AZI A . 
C 3 HOH 1  102 102 HOH HOH A . 
C 3 HOH 2  103 103 HOH HOH A . 
C 3 HOH 3  104 104 HOH HOH A . 
C 3 HOH 4  105 105 HOH HOH A . 
C 3 HOH 5  106 106 HOH HOH A . 
C 3 HOH 6  107 107 HOH HOH A . 
C 3 HOH 7  108 108 HOH HOH A . 
C 3 HOH 8  109 109 HOH HOH A . 
C 3 HOH 9  110 110 HOH HOH A . 
C 3 HOH 10 111 111 HOH HOH A . 
C 3 HOH 11 112 112 HOH HOH A . 
C 3 HOH 12 113 113 HOH HOH A . 
C 3 HOH 13 114 114 HOH HOH A . 
C 3 HOH 14 115 115 HOH HOH A . 
C 3 HOH 15 116 116 HOH HOH A . 
C 3 HOH 16 117 117 HOH HOH A . 
C 3 HOH 17 118 118 HOH HOH A . 
C 3 HOH 18 119 119 HOH HOH A . 
C 3 HOH 19 120 120 HOH HOH A . 
C 3 HOH 20 121 121 HOH HOH A . 
C 3 HOH 21 122 122 HOH HOH A . 
C 3 HOH 22 123 123 HOH HOH A . 
C 3 HOH 23 124 124 HOH HOH A . 
C 3 HOH 24 125 125 HOH HOH A . 
C 3 HOH 25 126 126 HOH HOH A . 
C 3 HOH 26 127 127 HOH HOH A . 
C 3 HOH 27 128 128 HOH HOH A . 
C 3 HOH 28 129 129 HOH HOH A . 
C 3 HOH 29 130 130 HOH HOH A . 
C 3 HOH 30 131 131 HOH HOH A . 
C 3 HOH 31 132 132 HOH HOH A . 
C 3 HOH 32 133 133 HOH HOH A . 
C 3 HOH 33 136 136 HOH HOH A . 
C 3 HOH 34 137 137 HOH HOH A . 
C 3 HOH 35 138 138 HOH HOH A . 
C 3 HOH 36 139 139 HOH HOH A . 
C 3 HOH 37 140 140 HOH HOH A . 
C 3 HOH 38 141 141 HOH HOH A . 
C 3 HOH 39 142 142 HOH HOH A . 
C 3 HOH 40 143 143 HOH HOH A . 
C 3 HOH 41 144 144 HOH HOH A . 
C 3 HOH 42 145 145 HOH HOH A . 
C 3 HOH 43 146 146 HOH HOH A . 
C 3 HOH 44 147 147 HOH HOH A . 
C 3 HOH 45 148 148 HOH HOH A . 
C 3 HOH 46 149 149 HOH HOH A . 
# 
_pdbx_struct_assembly.id                   1 
_pdbx_struct_assembly.details              author_defined_assembly 
_pdbx_struct_assembly.method_details       ? 
_pdbx_struct_assembly.oligomeric_details   monomeric 
_pdbx_struct_assembly.oligomeric_count     1 
# 
_pdbx_struct_assembly_gen.assembly_id       1 
_pdbx_struct_assembly_gen.oper_expression   1 
_pdbx_struct_assembly_gen.asym_id_list      A,B,C 
# 
_pdbx_struct_oper_list.id                   1 
_pdbx_struct_oper_list.type                 'identity operation' 
_pdbx_struct_oper_list.name                 1_555 
_pdbx_struct_oper_list.symmetry_operation   x,y,z 
_pdbx_struct_oper_list.matrix[1][1]         1.0000000000 
_pdbx_struct_oper_list.matrix[1][2]         0.0000000000 
_pdbx_struct_oper_list.matrix[1][3]         0.0000000000 
_pdbx_struct_oper_list.vector[1]            0.0000000000 
_pdbx_struct_oper_list.matrix[2][1]         0.0000000000 
_pdbx_struct_oper_list.matrix[2][2]         1.0000000000 
_pdbx_struct_oper_list.matrix[2][3]         0.0000000000 
_pdbx_struct_oper_list.vector[2]            0.0000000000 
_pdbx_struct_oper_list.matrix[3][1]         0.0000000000 
_pdbx_struct_oper_list.matrix[3][2]         0.0000000000 
_pdbx_struct_oper_list.matrix[3][3]         1.0000000000 
_pdbx_struct_oper_list.vector[3]            0.0000000000 
# 
_pdbx_struct_special_symmetry.id              1 
_pdbx_struct_special_symmetry.PDB_model_num   1 
_pdbx_struct_special_symmetry.auth_asym_id    A 
_pdbx_struct_special_symmetry.auth_comp_id    AZI 
_pdbx_struct_special_symmetry.auth_seq_id     201 
_pdbx_struct_special_symmetry.PDB_ins_code    ? 
_pdbx_struct_special_symmetry.label_asym_id   B 
_pdbx_struct_special_symmetry.label_comp_id   AZI 
_pdbx_struct_special_symmetry.label_seq_id    . 
# 
loop_
_pdbx_audit_revision_history.ordinal 
_pdbx_audit_revision_history.data_content_type 
_pdbx_audit_revision_history.major_revision 
_pdbx_audit_revision_history.minor_revision 
_pdbx_audit_revision_history.revision_date 
1 'Structure model' 1 0 2003-01-14 
2 'Structure model' 1 1 2008-04-28 
3 'Structure model' 1 2 2011-07-13 
4 'Structure model' 1 3 2018-04-04 
5 'Structure model' 1 4 2022-12-21 
6 'Structure model' 1 5 2023-09-20 
# 
_pdbx_audit_revision_details.ordinal             1 
_pdbx_audit_revision_details.revision_ordinal    1 
_pdbx_audit_revision_details.data_content_type   'Structure model' 
_pdbx_audit_revision_details.provider            repository 
_pdbx_audit_revision_details.type                'Initial release' 
_pdbx_audit_revision_details.description         ? 
_pdbx_audit_revision_details.details             ? 
# 
loop_
_pdbx_audit_revision_group.ordinal 
_pdbx_audit_revision_group.revision_ordinal 
_pdbx_audit_revision_group.data_content_type 
_pdbx_audit_revision_group.group 
1 2 'Structure model' 'Version format compliance' 
2 3 'Structure model' 'Version format compliance' 
3 4 'Structure model' 'Data collection'           
4 5 'Structure model' 'Database references'       
5 5 'Structure model' 'Derived calculations'      
6 6 'Structure model' 'Data collection'           
7 6 'Structure model' 'Refinement description'    
# 
loop_
_pdbx_audit_revision_category.ordinal 
_pdbx_audit_revision_category.revision_ordinal 
_pdbx_audit_revision_category.data_content_type 
_pdbx_audit_revision_category.category 
1 4 'Structure model' diffrn_source                 
2 5 'Structure model' database_2                    
3 5 'Structure model' struct_ref_seq_dif            
4 5 'Structure model' struct_site                   
5 6 'Structure model' chem_comp_atom                
6 6 'Structure model' chem_comp_bond                
7 6 'Structure model' pdbx_initial_refinement_model 
# 
loop_
_pdbx_audit_revision_item.ordinal 
_pdbx_audit_revision_item.revision_ordinal 
_pdbx_audit_revision_item.data_content_type 
_pdbx_audit_revision_item.item 
1 4 'Structure model' '_diffrn_source.type'                 
2 5 'Structure model' '_database_2.pdbx_DOI'                
3 5 'Structure model' '_database_2.pdbx_database_accession' 
4 5 'Structure model' '_struct_ref_seq_dif.details'         
5 5 'Structure model' '_struct_site.pdbx_auth_asym_id'      
6 5 'Structure model' '_struct_site.pdbx_auth_comp_id'      
7 5 'Structure model' '_struct_site.pdbx_auth_seq_id'       
# 
loop_
_software.name 
_software.classification 
_software.version 
_software.citation_id 
_software.pdbx_ordinal 
DENZO     'data reduction' .   ? 1 
SCALEPACK 'data scaling'   .   ? 2 
AMoRE     phasing          .   ? 3 
CNS       refinement       1.0 ? 4 
# 
_pdbx_database_remark.id     999 
_pdbx_database_remark.text   
;SEQUENCE
ACCORDING TO THE AUTHOR, THIS IS PART OF
A STREP2 TAG.
;
# 
_pdbx_validate_torsion.id              1 
_pdbx_validate_torsion.PDB_model_num   1 
_pdbx_validate_torsion.auth_comp_id    ASN 
_pdbx_validate_torsion.auth_asym_id    A 
_pdbx_validate_torsion.auth_seq_id     47 
_pdbx_validate_torsion.PDB_ins_code    ? 
_pdbx_validate_torsion.label_alt_id    ? 
_pdbx_validate_torsion.phi             29.60 
_pdbx_validate_torsion.psi             67.63 
# 
loop_
_pdbx_unobs_or_zero_occ_residues.id 
_pdbx_unobs_or_zero_occ_residues.PDB_model_num 
_pdbx_unobs_or_zero_occ_residues.polymer_flag 
_pdbx_unobs_or_zero_occ_residues.occupancy_flag 
_pdbx_unobs_or_zero_occ_residues.auth_asym_id 
_pdbx_unobs_or_zero_occ_residues.auth_comp_id 
_pdbx_unobs_or_zero_occ_residues.auth_seq_id 
_pdbx_unobs_or_zero_occ_residues.PDB_ins_code 
_pdbx_unobs_or_zero_occ_residues.label_asym_id 
_pdbx_unobs_or_zero_occ_residues.label_comp_id 
_pdbx_unobs_or_zero_occ_residues.label_seq_id 
1  1 Y 1 A MET -10 ? A MET 1  
2  1 Y 1 A ARG -9  ? A ARG 2  
3  1 Y 1 A GLY -8  ? A GLY 3  
4  1 Y 1 A SER -7  ? A SER 4  
5  1 Y 1 A HIS -6  ? A HIS 5  
6  1 Y 1 A HIS -5  ? A HIS 6  
7  1 Y 1 A HIS -4  ? A HIS 7  
8  1 Y 1 A HIS -3  ? A HIS 8  
9  1 Y 1 A HIS -2  ? A HIS 9  
10 1 Y 1 A HIS -1  ? A HIS 10 
11 1 Y 1 A GLY 0   ? A GLY 11 
12 1 Y 1 A SER 1   ? A SER 12 
13 1 Y 1 A ASP 2   ? A ASP 13 
14 1 Y 1 A GLU 3   ? A GLU 14 
15 1 Y 1 A THR 4   ? A THR 15 
16 1 Y 1 A GLY 5   ? A GLY 16 
17 1 Y 1 A GLU 71  ? A GLU 82 
18 1 Y 1 A LYS 72  ? A LYS 83 
# 
loop_
_chem_comp_atom.comp_id 
_chem_comp_atom.atom_id 
_chem_comp_atom.type_symbol 
_chem_comp_atom.pdbx_aromatic_flag 
_chem_comp_atom.pdbx_stereo_config 
_chem_comp_atom.pdbx_ordinal 
ALA N    N N N 1   
ALA CA   C N S 2   
ALA C    C N N 3   
ALA O    O N N 4   
ALA CB   C N N 5   
ALA OXT  O N N 6   
ALA H    H N N 7   
ALA H2   H N N 8   
ALA HA   H N N 9   
ALA HB1  H N N 10  
ALA HB2  H N N 11  
ALA HB3  H N N 12  
ALA HXT  H N N 13  
ARG N    N N N 14  
ARG CA   C N S 15  
ARG C    C N N 16  
ARG O    O N N 17  
ARG CB   C N N 18  
ARG CG   C N N 19  
ARG CD   C N N 20  
ARG NE   N N N 21  
ARG CZ   C N N 22  
ARG NH1  N N N 23  
ARG NH2  N N N 24  
ARG OXT  O N N 25  
ARG H    H N N 26  
ARG H2   H N N 27  
ARG HA   H N N 28  
ARG HB2  H N N 29  
ARG HB3  H N N 30  
ARG HG2  H N N 31  
ARG HG3  H N N 32  
ARG HD2  H N N 33  
ARG HD3  H N N 34  
ARG HE   H N N 35  
ARG HH11 H N N 36  
ARG HH12 H N N 37  
ARG HH21 H N N 38  
ARG HH22 H N N 39  
ARG HXT  H N N 40  
ASN N    N N N 41  
ASN CA   C N S 42  
ASN C    C N N 43  
ASN O    O N N 44  
ASN CB   C N N 45  
ASN CG   C N N 46  
ASN OD1  O N N 47  
ASN ND2  N N N 48  
ASN OXT  O N N 49  
ASN H    H N N 50  
ASN H2   H N N 51  
ASN HA   H N N 52  
ASN HB2  H N N 53  
ASN HB3  H N N 54  
ASN HD21 H N N 55  
ASN HD22 H N N 56  
ASN HXT  H N N 57  
ASP N    N N N 58  
ASP CA   C N S 59  
ASP C    C N N 60  
ASP O    O N N 61  
ASP CB   C N N 62  
ASP CG   C N N 63  
ASP OD1  O N N 64  
ASP OD2  O N N 65  
ASP OXT  O N N 66  
ASP H    H N N 67  
ASP H2   H N N 68  
ASP HA   H N N 69  
ASP HB2  H N N 70  
ASP HB3  H N N 71  
ASP HD2  H N N 72  
ASP HXT  H N N 73  
AZI N1   N N N 74  
AZI N2   N N N 75  
AZI N3   N N N 76  
GLN N    N N N 77  
GLN CA   C N S 78  
GLN C    C N N 79  
GLN O    O N N 80  
GLN CB   C N N 81  
GLN CG   C N N 82  
GLN CD   C N N 83  
GLN OE1  O N N 84  
GLN NE2  N N N 85  
GLN OXT  O N N 86  
GLN H    H N N 87  
GLN H2   H N N 88  
GLN HA   H N N 89  
GLN HB2  H N N 90  
GLN HB3  H N N 91  
GLN HG2  H N N 92  
GLN HG3  H N N 93  
GLN HE21 H N N 94  
GLN HE22 H N N 95  
GLN HXT  H N N 96  
GLU N    N N N 97  
GLU CA   C N S 98  
GLU C    C N N 99  
GLU O    O N N 100 
GLU CB   C N N 101 
GLU CG   C N N 102 
GLU CD   C N N 103 
GLU OE1  O N N 104 
GLU OE2  O N N 105 
GLU OXT  O N N 106 
GLU H    H N N 107 
GLU H2   H N N 108 
GLU HA   H N N 109 
GLU HB2  H N N 110 
GLU HB3  H N N 111 
GLU HG2  H N N 112 
GLU HG3  H N N 113 
GLU HE2  H N N 114 
GLU HXT  H N N 115 
GLY N    N N N 116 
GLY CA   C N N 117 
GLY C    C N N 118 
GLY O    O N N 119 
GLY OXT  O N N 120 
GLY H    H N N 121 
GLY H2   H N N 122 
GLY HA2  H N N 123 
GLY HA3  H N N 124 
GLY HXT  H N N 125 
HIS N    N N N 126 
HIS CA   C N S 127 
HIS C    C N N 128 
HIS O    O N N 129 
HIS CB   C N N 130 
HIS CG   C Y N 131 
HIS ND1  N Y N 132 
HIS CD2  C Y N 133 
HIS CE1  C Y N 134 
HIS NE2  N Y N 135 
HIS OXT  O N N 136 
HIS H    H N N 137 
HIS H2   H N N 138 
HIS HA   H N N 139 
HIS HB2  H N N 140 
HIS HB3  H N N 141 
HIS HD1  H N N 142 
HIS HD2  H N N 143 
HIS HE1  H N N 144 
HIS HE2  H N N 145 
HIS HXT  H N N 146 
HOH O    O N N 147 
HOH H1   H N N 148 
HOH H2   H N N 149 
ILE N    N N N 150 
ILE CA   C N S 151 
ILE C    C N N 152 
ILE O    O N N 153 
ILE CB   C N S 154 
ILE CG1  C N N 155 
ILE CG2  C N N 156 
ILE CD1  C N N 157 
ILE OXT  O N N 158 
ILE H    H N N 159 
ILE H2   H N N 160 
ILE HA   H N N 161 
ILE HB   H N N 162 
ILE HG12 H N N 163 
ILE HG13 H N N 164 
ILE HG21 H N N 165 
ILE HG22 H N N 166 
ILE HG23 H N N 167 
ILE HD11 H N N 168 
ILE HD12 H N N 169 
ILE HD13 H N N 170 
ILE HXT  H N N 171 
LEU N    N N N 172 
LEU CA   C N S 173 
LEU C    C N N 174 
LEU O    O N N 175 
LEU CB   C N N 176 
LEU CG   C N N 177 
LEU CD1  C N N 178 
LEU CD2  C N N 179 
LEU OXT  O N N 180 
LEU H    H N N 181 
LEU H2   H N N 182 
LEU HA   H N N 183 
LEU HB2  H N N 184 
LEU HB3  H N N 185 
LEU HG   H N N 186 
LEU HD11 H N N 187 
LEU HD12 H N N 188 
LEU HD13 H N N 189 
LEU HD21 H N N 190 
LEU HD22 H N N 191 
LEU HD23 H N N 192 
LEU HXT  H N N 193 
LYS N    N N N 194 
LYS CA   C N S 195 
LYS C    C N N 196 
LYS O    O N N 197 
LYS CB   C N N 198 
LYS CG   C N N 199 
LYS CD   C N N 200 
LYS CE   C N N 201 
LYS NZ   N N N 202 
LYS OXT  O N N 203 
LYS H    H N N 204 
LYS H2   H N N 205 
LYS HA   H N N 206 
LYS HB2  H N N 207 
LYS HB3  H N N 208 
LYS HG2  H N N 209 
LYS HG3  H N N 210 
LYS HD2  H N N 211 
LYS HD3  H N N 212 
LYS HE2  H N N 213 
LYS HE3  H N N 214 
LYS HZ1  H N N 215 
LYS HZ2  H N N 216 
LYS HZ3  H N N 217 
LYS HXT  H N N 218 
MET N    N N N 219 
MET CA   C N S 220 
MET C    C N N 221 
MET O    O N N 222 
MET CB   C N N 223 
MET CG   C N N 224 
MET SD   S N N 225 
MET CE   C N N 226 
MET OXT  O N N 227 
MET H    H N N 228 
MET H2   H N N 229 
MET HA   H N N 230 
MET HB2  H N N 231 
MET HB3  H N N 232 
MET HG2  H N N 233 
MET HG3  H N N 234 
MET HE1  H N N 235 
MET HE2  H N N 236 
MET HE3  H N N 237 
MET HXT  H N N 238 
PHE N    N N N 239 
PHE CA   C N S 240 
PHE C    C N N 241 
PHE O    O N N 242 
PHE CB   C N N 243 
PHE CG   C Y N 244 
PHE CD1  C Y N 245 
PHE CD2  C Y N 246 
PHE CE1  C Y N 247 
PHE CE2  C Y N 248 
PHE CZ   C Y N 249 
PHE OXT  O N N 250 
PHE H    H N N 251 
PHE H2   H N N 252 
PHE HA   H N N 253 
PHE HB2  H N N 254 
PHE HB3  H N N 255 
PHE HD1  H N N 256 
PHE HD2  H N N 257 
PHE HE1  H N N 258 
PHE HE2  H N N 259 
PHE HZ   H N N 260 
PHE HXT  H N N 261 
PRO N    N N N 262 
PRO CA   C N S 263 
PRO C    C N N 264 
PRO O    O N N 265 
PRO CB   C N N 266 
PRO CG   C N N 267 
PRO CD   C N N 268 
PRO OXT  O N N 269 
PRO H    H N N 270 
PRO HA   H N N 271 
PRO HB2  H N N 272 
PRO HB3  H N N 273 
PRO HG2  H N N 274 
PRO HG3  H N N 275 
PRO HD2  H N N 276 
PRO HD3  H N N 277 
PRO HXT  H N N 278 
SER N    N N N 279 
SER CA   C N S 280 
SER C    C N N 281 
SER O    O N N 282 
SER CB   C N N 283 
SER OG   O N N 284 
SER OXT  O N N 285 
SER H    H N N 286 
SER H2   H N N 287 
SER HA   H N N 288 
SER HB2  H N N 289 
SER HB3  H N N 290 
SER HG   H N N 291 
SER HXT  H N N 292 
THR N    N N N 293 
THR CA   C N S 294 
THR C    C N N 295 
THR O    O N N 296 
THR CB   C N R 297 
THR OG1  O N N 298 
THR CG2  C N N 299 
THR OXT  O N N 300 
THR H    H N N 301 
THR H2   H N N 302 
THR HA   H N N 303 
THR HB   H N N 304 
THR HG1  H N N 305 
THR HG21 H N N 306 
THR HG22 H N N 307 
THR HG23 H N N 308 
THR HXT  H N N 309 
TRP N    N N N 310 
TRP CA   C N S 311 
TRP C    C N N 312 
TRP O    O N N 313 
TRP CB   C N N 314 
TRP CG   C Y N 315 
TRP CD1  C Y N 316 
TRP CD2  C Y N 317 
TRP NE1  N Y N 318 
TRP CE2  C Y N 319 
TRP CE3  C Y N 320 
TRP CZ2  C Y N 321 
TRP CZ3  C Y N 322 
TRP CH2  C Y N 323 
TRP OXT  O N N 324 
TRP H    H N N 325 
TRP H2   H N N 326 
TRP HA   H N N 327 
TRP HB2  H N N 328 
TRP HB3  H N N 329 
TRP HD1  H N N 330 
TRP HE1  H N N 331 
TRP HE3  H N N 332 
TRP HZ2  H N N 333 
TRP HZ3  H N N 334 
TRP HH2  H N N 335 
TRP HXT  H N N 336 
TYR N    N N N 337 
TYR CA   C N S 338 
TYR C    C N N 339 
TYR O    O N N 340 
TYR CB   C N N 341 
TYR CG   C Y N 342 
TYR CD1  C Y N 343 
TYR CD2  C Y N 344 
TYR CE1  C Y N 345 
TYR CE2  C Y N 346 
TYR CZ   C Y N 347 
TYR OH   O N N 348 
TYR OXT  O N N 349 
TYR H    H N N 350 
TYR H2   H N N 351 
TYR HA   H N N 352 
TYR HB2  H N N 353 
TYR HB3  H N N 354 
TYR HD1  H N N 355 
TYR HD2  H N N 356 
TYR HE1  H N N 357 
TYR HE2  H N N 358 
TYR HH   H N N 359 
TYR HXT  H N N 360 
VAL N    N N N 361 
VAL CA   C N S 362 
VAL C    C N N 363 
VAL O    O N N 364 
VAL CB   C N N 365 
VAL CG1  C N N 366 
VAL CG2  C N N 367 
VAL OXT  O N N 368 
VAL H    H N N 369 
VAL H2   H N N 370 
VAL HA   H N N 371 
VAL HB   H N N 372 
VAL HG11 H N N 373 
VAL HG12 H N N 374 
VAL HG13 H N N 375 
VAL HG21 H N N 376 
VAL HG22 H N N 377 
VAL HG23 H N N 378 
VAL HXT  H N N 379 
# 
loop_
_chem_comp_bond.comp_id 
_chem_comp_bond.atom_id_1 
_chem_comp_bond.atom_id_2 
_chem_comp_bond.value_order 
_chem_comp_bond.pdbx_aromatic_flag 
_chem_comp_bond.pdbx_stereo_config 
_chem_comp_bond.pdbx_ordinal 
ALA N   CA   sing N N 1   
ALA N   H    sing N N 2   
ALA N   H2   sing N N 3   
ALA CA  C    sing N N 4   
ALA CA  CB   sing N N 5   
ALA CA  HA   sing N N 6   
ALA C   O    doub N N 7   
ALA C   OXT  sing N N 8   
ALA CB  HB1  sing N N 9   
ALA CB  HB2  sing N N 10  
ALA CB  HB3  sing N N 11  
ALA OXT HXT  sing N N 12  
ARG N   CA   sing N N 13  
ARG N   H    sing N N 14  
ARG N   H2   sing N N 15  
ARG CA  C    sing N N 16  
ARG CA  CB   sing N N 17  
ARG CA  HA   sing N N 18  
ARG C   O    doub N N 19  
ARG C   OXT  sing N N 20  
ARG CB  CG   sing N N 21  
ARG CB  HB2  sing N N 22  
ARG CB  HB3  sing N N 23  
ARG CG  CD   sing N N 24  
ARG CG  HG2  sing N N 25  
ARG CG  HG3  sing N N 26  
ARG CD  NE   sing N N 27  
ARG CD  HD2  sing N N 28  
ARG CD  HD3  sing N N 29  
ARG NE  CZ   sing N N 30  
ARG NE  HE   sing N N 31  
ARG CZ  NH1  sing N N 32  
ARG CZ  NH2  doub N N 33  
ARG NH1 HH11 sing N N 34  
ARG NH1 HH12 sing N N 35  
ARG NH2 HH21 sing N N 36  
ARG NH2 HH22 sing N N 37  
ARG OXT HXT  sing N N 38  
ASN N   CA   sing N N 39  
ASN N   H    sing N N 40  
ASN N   H2   sing N N 41  
ASN CA  C    sing N N 42  
ASN CA  CB   sing N N 43  
ASN CA  HA   sing N N 44  
ASN C   O    doub N N 45  
ASN C   OXT  sing N N 46  
ASN CB  CG   sing N N 47  
ASN CB  HB2  sing N N 48  
ASN CB  HB3  sing N N 49  
ASN CG  OD1  doub N N 50  
ASN CG  ND2  sing N N 51  
ASN ND2 HD21 sing N N 52  
ASN ND2 HD22 sing N N 53  
ASN OXT HXT  sing N N 54  
ASP N   CA   sing N N 55  
ASP N   H    sing N N 56  
ASP N   H2   sing N N 57  
ASP CA  C    sing N N 58  
ASP CA  CB   sing N N 59  
ASP CA  HA   sing N N 60  
ASP C   O    doub N N 61  
ASP C   OXT  sing N N 62  
ASP CB  CG   sing N N 63  
ASP CB  HB2  sing N N 64  
ASP CB  HB3  sing N N 65  
ASP CG  OD1  doub N N 66  
ASP CG  OD2  sing N N 67  
ASP OD2 HD2  sing N N 68  
ASP OXT HXT  sing N N 69  
AZI N1  N2   doub N N 70  
AZI N2  N3   doub N N 71  
GLN N   CA   sing N N 72  
GLN N   H    sing N N 73  
GLN N   H2   sing N N 74  
GLN CA  C    sing N N 75  
GLN CA  CB   sing N N 76  
GLN CA  HA   sing N N 77  
GLN C   O    doub N N 78  
GLN C   OXT  sing N N 79  
GLN CB  CG   sing N N 80  
GLN CB  HB2  sing N N 81  
GLN CB  HB3  sing N N 82  
GLN CG  CD   sing N N 83  
GLN CG  HG2  sing N N 84  
GLN CG  HG3  sing N N 85  
GLN CD  OE1  doub N N 86  
GLN CD  NE2  sing N N 87  
GLN NE2 HE21 sing N N 88  
GLN NE2 HE22 sing N N 89  
GLN OXT HXT  sing N N 90  
GLU N   CA   sing N N 91  
GLU N   H    sing N N 92  
GLU N   H2   sing N N 93  
GLU CA  C    sing N N 94  
GLU CA  CB   sing N N 95  
GLU CA  HA   sing N N 96  
GLU C   O    doub N N 97  
GLU C   OXT  sing N N 98  
GLU CB  CG   sing N N 99  
GLU CB  HB2  sing N N 100 
GLU CB  HB3  sing N N 101 
GLU CG  CD   sing N N 102 
GLU CG  HG2  sing N N 103 
GLU CG  HG3  sing N N 104 
GLU CD  OE1  doub N N 105 
GLU CD  OE2  sing N N 106 
GLU OE2 HE2  sing N N 107 
GLU OXT HXT  sing N N 108 
GLY N   CA   sing N N 109 
GLY N   H    sing N N 110 
GLY N   H2   sing N N 111 
GLY CA  C    sing N N 112 
GLY CA  HA2  sing N N 113 
GLY CA  HA3  sing N N 114 
GLY C   O    doub N N 115 
GLY C   OXT  sing N N 116 
GLY OXT HXT  sing N N 117 
HIS N   CA   sing N N 118 
HIS N   H    sing N N 119 
HIS N   H2   sing N N 120 
HIS CA  C    sing N N 121 
HIS CA  CB   sing N N 122 
HIS CA  HA   sing N N 123 
HIS C   O    doub N N 124 
HIS C   OXT  sing N N 125 
HIS CB  CG   sing N N 126 
HIS CB  HB2  sing N N 127 
HIS CB  HB3  sing N N 128 
HIS CG  ND1  sing Y N 129 
HIS CG  CD2  doub Y N 130 
HIS ND1 CE1  doub Y N 131 
HIS ND1 HD1  sing N N 132 
HIS CD2 NE2  sing Y N 133 
HIS CD2 HD2  sing N N 134 
HIS CE1 NE2  sing Y N 135 
HIS CE1 HE1  sing N N 136 
HIS NE2 HE2  sing N N 137 
HIS OXT HXT  sing N N 138 
HOH O   H1   sing N N 139 
HOH O   H2   sing N N 140 
ILE N   CA   sing N N 141 
ILE N   H    sing N N 142 
ILE N   H2   sing N N 143 
ILE CA  C    sing N N 144 
ILE CA  CB   sing N N 145 
ILE CA  HA   sing N N 146 
ILE C   O    doub N N 147 
ILE C   OXT  sing N N 148 
ILE CB  CG1  sing N N 149 
ILE CB  CG2  sing N N 150 
ILE CB  HB   sing N N 151 
ILE CG1 CD1  sing N N 152 
ILE CG1 HG12 sing N N 153 
ILE CG1 HG13 sing N N 154 
ILE CG2 HG21 sing N N 155 
ILE CG2 HG22 sing N N 156 
ILE CG2 HG23 sing N N 157 
ILE CD1 HD11 sing N N 158 
ILE CD1 HD12 sing N N 159 
ILE CD1 HD13 sing N N 160 
ILE OXT HXT  sing N N 161 
LEU N   CA   sing N N 162 
LEU N   H    sing N N 163 
LEU N   H2   sing N N 164 
LEU CA  C    sing N N 165 
LEU CA  CB   sing N N 166 
LEU CA  HA   sing N N 167 
LEU C   O    doub N N 168 
LEU C   OXT  sing N N 169 
LEU CB  CG   sing N N 170 
LEU CB  HB2  sing N N 171 
LEU CB  HB3  sing N N 172 
LEU CG  CD1  sing N N 173 
LEU CG  CD2  sing N N 174 
LEU CG  HG   sing N N 175 
LEU CD1 HD11 sing N N 176 
LEU CD1 HD12 sing N N 177 
LEU CD1 HD13 sing N N 178 
LEU CD2 HD21 sing N N 179 
LEU CD2 HD22 sing N N 180 
LEU CD2 HD23 sing N N 181 
LEU OXT HXT  sing N N 182 
LYS N   CA   sing N N 183 
LYS N   H    sing N N 184 
LYS N   H2   sing N N 185 
LYS CA  C    sing N N 186 
LYS CA  CB   sing N N 187 
LYS CA  HA   sing N N 188 
LYS C   O    doub N N 189 
LYS C   OXT  sing N N 190 
LYS CB  CG   sing N N 191 
LYS CB  HB2  sing N N 192 
LYS CB  HB3  sing N N 193 
LYS CG  CD   sing N N 194 
LYS CG  HG2  sing N N 195 
LYS CG  HG3  sing N N 196 
LYS CD  CE   sing N N 197 
LYS CD  HD2  sing N N 198 
LYS CD  HD3  sing N N 199 
LYS CE  NZ   sing N N 200 
LYS CE  HE2  sing N N 201 
LYS CE  HE3  sing N N 202 
LYS NZ  HZ1  sing N N 203 
LYS NZ  HZ2  sing N N 204 
LYS NZ  HZ3  sing N N 205 
LYS OXT HXT  sing N N 206 
MET N   CA   sing N N 207 
MET N   H    sing N N 208 
MET N   H2   sing N N 209 
MET CA  C    sing N N 210 
MET CA  CB   sing N N 211 
MET CA  HA   sing N N 212 
MET C   O    doub N N 213 
MET C   OXT  sing N N 214 
MET CB  CG   sing N N 215 
MET CB  HB2  sing N N 216 
MET CB  HB3  sing N N 217 
MET CG  SD   sing N N 218 
MET CG  HG2  sing N N 219 
MET CG  HG3  sing N N 220 
MET SD  CE   sing N N 221 
MET CE  HE1  sing N N 222 
MET CE  HE2  sing N N 223 
MET CE  HE3  sing N N 224 
MET OXT HXT  sing N N 225 
PHE N   CA   sing N N 226 
PHE N   H    sing N N 227 
PHE N   H2   sing N N 228 
PHE CA  C    sing N N 229 
PHE CA  CB   sing N N 230 
PHE CA  HA   sing N N 231 
PHE C   O    doub N N 232 
PHE C   OXT  sing N N 233 
PHE CB  CG   sing N N 234 
PHE CB  HB2  sing N N 235 
PHE CB  HB3  sing N N 236 
PHE CG  CD1  doub Y N 237 
PHE CG  CD2  sing Y N 238 
PHE CD1 CE1  sing Y N 239 
PHE CD1 HD1  sing N N 240 
PHE CD2 CE2  doub Y N 241 
PHE CD2 HD2  sing N N 242 
PHE CE1 CZ   doub Y N 243 
PHE CE1 HE1  sing N N 244 
PHE CE2 CZ   sing Y N 245 
PHE CE2 HE2  sing N N 246 
PHE CZ  HZ   sing N N 247 
PHE OXT HXT  sing N N 248 
PRO N   CA   sing N N 249 
PRO N   CD   sing N N 250 
PRO N   H    sing N N 251 
PRO CA  C    sing N N 252 
PRO CA  CB   sing N N 253 
PRO CA  HA   sing N N 254 
PRO C   O    doub N N 255 
PRO C   OXT  sing N N 256 
PRO CB  CG   sing N N 257 
PRO CB  HB2  sing N N 258 
PRO CB  HB3  sing N N 259 
PRO CG  CD   sing N N 260 
PRO CG  HG2  sing N N 261 
PRO CG  HG3  sing N N 262 
PRO CD  HD2  sing N N 263 
PRO CD  HD3  sing N N 264 
PRO OXT HXT  sing N N 265 
SER N   CA   sing N N 266 
SER N   H    sing N N 267 
SER N   H2   sing N N 268 
SER CA  C    sing N N 269 
SER CA  CB   sing N N 270 
SER CA  HA   sing N N 271 
SER C   O    doub N N 272 
SER C   OXT  sing N N 273 
SER CB  OG   sing N N 274 
SER CB  HB2  sing N N 275 
SER CB  HB3  sing N N 276 
SER OG  HG   sing N N 277 
SER OXT HXT  sing N N 278 
THR N   CA   sing N N 279 
THR N   H    sing N N 280 
THR N   H2   sing N N 281 
THR CA  C    sing N N 282 
THR CA  CB   sing N N 283 
THR CA  HA   sing N N 284 
THR C   O    doub N N 285 
THR C   OXT  sing N N 286 
THR CB  OG1  sing N N 287 
THR CB  CG2  sing N N 288 
THR CB  HB   sing N N 289 
THR OG1 HG1  sing N N 290 
THR CG2 HG21 sing N N 291 
THR CG2 HG22 sing N N 292 
THR CG2 HG23 sing N N 293 
THR OXT HXT  sing N N 294 
TRP N   CA   sing N N 295 
TRP N   H    sing N N 296 
TRP N   H2   sing N N 297 
TRP CA  C    sing N N 298 
TRP CA  CB   sing N N 299 
TRP CA  HA   sing N N 300 
TRP C   O    doub N N 301 
TRP C   OXT  sing N N 302 
TRP CB  CG   sing N N 303 
TRP CB  HB2  sing N N 304 
TRP CB  HB3  sing N N 305 
TRP CG  CD1  doub Y N 306 
TRP CG  CD2  sing Y N 307 
TRP CD1 NE1  sing Y N 308 
TRP CD1 HD1  sing N N 309 
TRP CD2 CE2  doub Y N 310 
TRP CD2 CE3  sing Y N 311 
TRP NE1 CE2  sing Y N 312 
TRP NE1 HE1  sing N N 313 
TRP CE2 CZ2  sing Y N 314 
TRP CE3 CZ3  doub Y N 315 
TRP CE3 HE3  sing N N 316 
TRP CZ2 CH2  doub Y N 317 
TRP CZ2 HZ2  sing N N 318 
TRP CZ3 CH2  sing Y N 319 
TRP CZ3 HZ3  sing N N 320 
TRP CH2 HH2  sing N N 321 
TRP OXT HXT  sing N N 322 
TYR N   CA   sing N N 323 
TYR N   H    sing N N 324 
TYR N   H2   sing N N 325 
TYR CA  C    sing N N 326 
TYR CA  CB   sing N N 327 
TYR CA  HA   sing N N 328 
TYR C   O    doub N N 329 
TYR C   OXT  sing N N 330 
TYR CB  CG   sing N N 331 
TYR CB  HB2  sing N N 332 
TYR CB  HB3  sing N N 333 
TYR CG  CD1  doub Y N 334 
TYR CG  CD2  sing Y N 335 
TYR CD1 CE1  sing Y N 336 
TYR CD1 HD1  sing N N 337 
TYR CD2 CE2  doub Y N 338 
TYR CD2 HD2  sing N N 339 
TYR CE1 CZ   doub Y N 340 
TYR CE1 HE1  sing N N 341 
TYR CE2 CZ   sing Y N 342 
TYR CE2 HE2  sing N N 343 
TYR CZ  OH   sing N N 344 
TYR OH  HH   sing N N 345 
TYR OXT HXT  sing N N 346 
VAL N   CA   sing N N 347 
VAL N   H    sing N N 348 
VAL N   H2   sing N N 349 
VAL CA  C    sing N N 350 
VAL CA  CB   sing N N 351 
VAL CA  HA   sing N N 352 
VAL C   O    doub N N 353 
VAL C   OXT  sing N N 354 
VAL CB  CG1  sing N N 355 
VAL CB  CG2  sing N N 356 
VAL CB  HB   sing N N 357 
VAL CG1 HG11 sing N N 358 
VAL CG1 HG12 sing N N 359 
VAL CG1 HG13 sing N N 360 
VAL CG2 HG21 sing N N 361 
VAL CG2 HG22 sing N N 362 
VAL CG2 HG23 sing N N 363 
VAL OXT HXT  sing N N 364 
# 
loop_
_pdbx_entity_nonpoly.entity_id 
_pdbx_entity_nonpoly.name 
_pdbx_entity_nonpoly.comp_id 
2 'AZIDE ION' AZI 
3 water       HOH 
# 
_pdbx_initial_refinement_model.id               1 
_pdbx_initial_refinement_model.entity_id_list   ? 
_pdbx_initial_refinement_model.type             'experimental model' 
_pdbx_initial_refinement_model.source_name      PDB 
_pdbx_initial_refinement_model.accession_code   1SHG 
_pdbx_initial_refinement_model.details          ? 
# 
